data_1TKQ
# 
_entry.id   1TKQ 
# 
_audit_conform.dict_name       mmcif_pdbx.dic 
_audit_conform.dict_version    5.403 
_audit_conform.dict_location   http://mmcif.pdb.org/dictionaries/ascii/mmcif_pdbx.dic 
# 
loop_
_database_2.database_id 
_database_2.database_code 
_database_2.pdbx_database_accession 
_database_2.pdbx_DOI 
PDB   1TKQ         pdb_00001tkq 10.2210/pdb1tkq/pdb 
RCSB  RCSB022727   ?            ?                   
WWPDB D_1000022727 ?            ?                   
# 
loop_
_pdbx_audit_revision_history.ordinal 
_pdbx_audit_revision_history.data_content_type 
_pdbx_audit_revision_history.major_revision 
_pdbx_audit_revision_history.minor_revision 
_pdbx_audit_revision_history.revision_date 
_pdbx_audit_revision_history.part_number 
1 'Structure model' 1 0 2004-07-13 ? 
2 'Structure model' 1 1 2011-06-14 ? 
3 'Structure model' 1 2 2011-07-13 ? 
4 'Structure model' 1 3 2011-07-27 ? 
5 'Structure model' 1 4 2012-12-12 ? 
6 'Structure model' 2 0 2019-09-25 ? 
7 'Structure model' 2 1 2025-03-26 ? 
# 
_pdbx_audit_revision_details.ordinal             1 
_pdbx_audit_revision_details.revision_ordinal    1 
_pdbx_audit_revision_details.data_content_type   'Structure model' 
_pdbx_audit_revision_details.provider            repository 
_pdbx_audit_revision_details.type                'Initial release' 
_pdbx_audit_revision_details.description         ? 
_pdbx_audit_revision_details.details             ? 
# 
loop_
_pdbx_audit_revision_group.ordinal 
_pdbx_audit_revision_group.revision_ordinal 
_pdbx_audit_revision_group.data_content_type 
_pdbx_audit_revision_group.group 
1  2 'Structure model' 'Version format compliance' 
2  3 'Structure model' 'Version format compliance' 
3  4 'Structure model' 'Atomic model'              
4  4 'Structure model' 'Database references'       
5  4 'Structure model' 'Derived calculations'      
6  4 'Structure model' 'Non-polymer description'   
7  4 'Structure model' 'Structure summary'         
8  5 'Structure model' Other                       
9  6 'Structure model' 'Atomic model'              
10 6 'Structure model' 'Data collection'           
11 6 'Structure model' 'Derived calculations'      
12 7 'Structure model' 'Data collection'           
13 7 'Structure model' 'Database references'       
14 7 'Structure model' 'Derived calculations'      
15 7 'Structure model' 'Structure summary'         
# 
loop_
_pdbx_audit_revision_category.ordinal 
_pdbx_audit_revision_category.revision_ordinal 
_pdbx_audit_revision_category.data_content_type 
_pdbx_audit_revision_category.category 
1  6 'Structure model' atom_site                   
2  6 'Structure model' diffrn                      
3  6 'Structure model' diffrn_radiation            
4  6 'Structure model' diffrn_radiation_wavelength 
5  6 'Structure model' pdbx_nmr_spectrometer       
6  6 'Structure model' pdbx_nonpoly_scheme         
7  6 'Structure model' pdbx_struct_assembly        
8  6 'Structure model' pdbx_struct_assembly_prop   
9  6 'Structure model' pdbx_struct_oper_list       
10 6 'Structure model' struct_conn                 
11 7 'Structure model' chem_comp_atom              
12 7 'Structure model' chem_comp_bond              
13 7 'Structure model' database_2                  
14 7 'Structure model' pdbx_entry_details          
15 7 'Structure model' struct_conn                 
# 
loop_
_pdbx_audit_revision_item.ordinal 
_pdbx_audit_revision_item.revision_ordinal 
_pdbx_audit_revision_item.data_content_type 
_pdbx_audit_revision_item.item 
1  6 'Structure model' '_atom_site.auth_asym_id'                      
2  6 'Structure model' '_atom_site.auth_atom_id'                      
3  6 'Structure model' '_atom_site.auth_seq_id'                       
4  6 'Structure model' '_atom_site.label_atom_id'                     
5  6 'Structure model' '_pdbx_nmr_spectrometer.model'                 
6  6 'Structure model' '_pdbx_nonpoly_scheme.pdb_seq_num'             
7  6 'Structure model' '_pdbx_nonpoly_scheme.pdb_strand_id'           
8  6 'Structure model' '_pdbx_struct_assembly.details'                
9  6 'Structure model' '_pdbx_struct_assembly.method_details'         
10 6 'Structure model' '_pdbx_struct_assembly.oligomeric_count'       
11 6 'Structure model' '_pdbx_struct_assembly.oligomeric_details'     
12 6 'Structure model' '_pdbx_struct_oper_list.symmetry_operation'    
13 6 'Structure model' '_struct_conn.pdbx_leaving_atom_flag'          
14 6 'Structure model' '_struct_conn.ptnr1_auth_asym_id'              
15 6 'Structure model' '_struct_conn.ptnr1_auth_seq_id'               
16 7 'Structure model' '_database_2.pdbx_DOI'                         
17 7 'Structure model' '_database_2.pdbx_database_accession'          
18 7 'Structure model' '_pdbx_entry_details.has_protein_modification' 
19 7 'Structure model' '_struct_conn.pdbx_dist_value'                 
20 7 'Structure model' '_struct_conn.ptnr1_auth_asym_id'              
21 7 'Structure model' '_struct_conn.ptnr1_auth_comp_id'              
22 7 'Structure model' '_struct_conn.ptnr1_auth_seq_id'               
23 7 'Structure model' '_struct_conn.ptnr1_label_asym_id'             
24 7 'Structure model' '_struct_conn.ptnr1_label_atom_id'             
25 7 'Structure model' '_struct_conn.ptnr1_label_comp_id'             
26 7 'Structure model' '_struct_conn.ptnr1_label_seq_id'              
27 7 'Structure model' '_struct_conn.ptnr2_auth_asym_id'              
28 7 'Structure model' '_struct_conn.ptnr2_auth_comp_id'              
29 7 'Structure model' '_struct_conn.ptnr2_auth_seq_id'               
30 7 'Structure model' '_struct_conn.ptnr2_label_asym_id'             
31 7 'Structure model' '_struct_conn.ptnr2_label_atom_id'             
32 7 'Structure model' '_struct_conn.ptnr2_label_comp_id'             
33 7 'Structure model' '_struct_conn.ptnr2_label_seq_id'              
# 
_pdbx_database_status.status_code                     REL 
_pdbx_database_status.entry_id                        1TKQ 
_pdbx_database_status.recvd_initial_deposition_date   2004-06-09 
_pdbx_database_status.deposit_site                    RCSB 
_pdbx_database_status.process_site                    RCSB 
_pdbx_database_status.status_code_sf                  ? 
_pdbx_database_status.status_code_mr                  REL 
_pdbx_database_status.SG_entry                        ? 
_pdbx_database_status.status_code_cs                  ? 
_pdbx_database_status.methods_development_category    ? 
_pdbx_database_status.pdb_format_compatible           Y 
_pdbx_database_status.status_code_nmr_data            ? 
# 
loop_
_pdbx_database_related.db_name 
_pdbx_database_related.db_id 
_pdbx_database_related.content_type 
_pdbx_database_related.details 
PDB 1TK2 unspecified 'CRYSTAL STRUCTURE OF GRAMICIDIN S COMPLEXED WITH ALKALINE PROTEINASE SAVINASE'                       
PDB 2XDC unspecified 'CRYSTAL STRUCTURE OF GRAMICIDIN A FROM CRYSTALS GROWN IN A LIPID CUBIC PHASE.'                       
PDB 1AV2 unspecified 'CRYSTAL STRUCTURE OF GRAMICIDIN A COMPLEXED WITH CESIUM CHLORIDE'                                    
PDB 1BDW unspecified 'CRYSTAL STRUCTURE OF GRAMICIDIN A FROM BACILLUS BREVIS'                                              
PDB 1C4D unspecified 'CRYSTAL STRUCTURE OF GRAMICIDIN A COMPLEXED WITH CESIUM CHLORIDE'                                    
PDB 1GMK unspecified 'CRYSTAL STRUCTURE OF GRAMICIDIN A COMPLRXED WITH POTASSIUM THIOCYANATE'                              
PDB 1GRM unspecified 'SOLUTION STRUCTURE OF THE GRAMICIDIN A'                                                              
PDB 1JNO unspecified 'SOLUTION STRUCTURE OF GRAMICIDIN A IN SODIUM DODECYL SULFATE MICELLES'                               
PDB 1KQE unspecified 'SOLUTION STRUCTURE OF A LINKED SHORTENED GRAMICIDIN A IN BENZENE/ACETONE 10:1'                       
PDB 1MAG unspecified 'SOLID STATE NMR STRUCTURE OF GRAMICIDIN A IN HYDRATED DMPC BILAYERS,'                                
PDB 1MIC unspecified 'SOLUTION STRUCTURE OF GRAMICIDIN A IN METHANOL IN THE PRESENCE OF CACL'                              
PDB 1NG8 unspecified 'SOLUTION STRUCTURE OF GRAMICIDIN A (W15G) IN SODIUM DODECYL SULFATE MICELLES'                        
PDB 1NRM unspecified 'SOLUTION STRUCTURE OF GRAMICIDIN A IN DODECYL PHOSPHOCHOLINE MICELLES'                               
PDB 1NRU unspecified 'SOLUTION STRUCTURE OF GRAMICIDIN A IN DODECYL PHOSPHOCHOLINE MICELLES IN THE PRESENCE OF EXCESS NA+' 
PDB 1NT5 unspecified 'SOLUTION STRUCTURE OF GRAMICIDIN A (V1F) IN SODIUM DODECYL SULFATE MICELLES'                         
PDB 1JO3 unspecified 'SOLUTION STRUCTURE OF GRAMICIDIN B IN SODIUM DODECYL SULFATE MICELLES'                               
PDB 1JO4 unspecified 'SOLUTION STRUCTURE OF GRAMICIDIN C IN SODIUM DODECYL SULFATE MICELLES'                               
PDB 1NT6 unspecified 'SOLUTION STRUCTURE OF F1-GRAMICIDIN C IN SODIUM DODECYL SULFATE MICELLES'                            
PDB 1W5U unspecified 'CRYSTAL STRUCTURE OF GRAMICIDIN D IN ETHANOL'                                                        
PDB 2IZQ unspecified 'CRYSTAL STRUCTURE OF GRAMICIDIN D COMPLEX WITH KI IN METHANOL'                                       
PDB 3L8L unspecified 'CRYSTAL STRUCTURE OF GRAMICIDIN D COMPLEX WITH NAI'                                                  
PDB 1AL4 unspecified 'CRYSTAL STRUCTURE OF GRAMICIDIN D IN N-PROPANOL'                                                     
PDB 1ALX unspecified 'CRYSTAL STRUCTURE OF GRAMICIDIN D IN METHANOL'                                                       
PDB 1ALZ unspecified 'CRYSTAL STRUCTURE OF GRAMICIDIN D IN ETHANOL'                                                        
# 
loop_
_audit_author.name 
_audit_author.pdbx_ordinal 
'Xie, X.'        1 
'Al-Momani, L.'  2 
'Bockelmann, D.' 3 
'Griesinger, C.' 4 
'Koert, U.'      5 
# 
loop_
_citation.id 
_citation.title 
_citation.journal_abbrev 
_citation.journal_volume 
_citation.page_first 
_citation.page_last 
_citation.year 
_citation.journal_id_ASTM 
_citation.country 
_citation.journal_id_ISSN 
_citation.journal_id_CSD 
_citation.book_publisher 
_citation.pdbx_database_id_PubMed 
_citation.pdbx_database_id_DOI 
primary 'An Asymmetric Ion Channel Derived from Gramicidin A. Synthesis, Function and NMR Structure.'      'FEBS J.'               
272 975  ? 2005 ?      UK 1742-464X ?    ? 15691331 10.1111/J.1742-4658.2004.04531.X                                 
1       'High-Resolution Conformation of Gramicidin a in a Lipid Bilayer by Solid-State NMR'               Science                 
261 1457 ? 1993 SCIEAS US 0036-8075 0038 ? 7690158  10.1126/SCIENCE.7690158                                          
2       'Solution Structure of a Parallel Left-Handed Double-Helical Gramicidin-A Determined by 2D 1H NMR' J.Mol.Biol.             
264 757  ? 1996 JMOBAK UK 0022-2836 0070 ? 8980684  10.1006/JMBI.1996.0675                                           
3       'Cation Control in Functional Helical Programming: Structures of a D,L-Peptide Ion Channel'        Angew.Chem.Int.Ed.Engl. 
41  4062 ? 2002 ?      GE 1433-7851 9999 ? 12412082 '10.1002/1521-3773(20021104)41:21<4062::AID-ANIE4062>3.0.CO;2-U' 
# 
loop_
_citation_author.citation_id 
_citation_author.name 
_citation_author.ordinal 
_citation_author.identifier_ORCID 
primary 'Xie, X.'        1  ? 
primary 'Al-Momani, L.'  2  ? 
primary 'Reiss, P.'      3  ? 
primary 'Griesinger, C.' 4  ? 
primary 'Koert, U.'      5  ? 
1       'Ketchem, R.R.'  6  ? 
1       'Hu, W.'         7  ? 
1       'Cross, T.A.'    8  ? 
2       'Chen, Y.'       9  ? 
2       'Tucker, A.'     10 ? 
2       'Wallace, B.A.'  11 ? 
3       'Arndt, H.-D.'   12 ? 
3       'Bockelmann, D.' 13 ? 
3       'Knoll, A.'      14 ? 
3       'Lamberth, S.'   15 ? 
3       'Griesinger, C.' 16 ? 
3       'Koert, U.'      17 ? 
# 
loop_
_entity.id 
_entity.type 
_entity.src_method 
_entity.pdbx_description 
_entity.formula_weight 
_entity.pdbx_number_of_molecules 
_entity.pdbx_ec 
_entity.pdbx_mutation 
_entity.pdbx_fragment 
_entity.details 
1 polymer     syn 'MINI-GRAMICIDIN A' 1470.798 1 ? ? ? ? 
2 polymer     syn 'GRAMICIDIN A'      1811.216 1 ? ? ? ? 
3 non-polymer syn 'SUCCINIC ACID'     118.088  1 ? ? ? ? 
# 
_entity_name_com.entity_id   2 
_entity_name_com.name        'VALYL GRAMICIDIN' 
# 
loop_
_entity_poly.entity_id 
_entity_poly.type 
_entity_poly.nstd_linkage 
_entity_poly.nstd_monomer 
_entity_poly.pdbx_seq_one_letter_code 
_entity_poly.pdbx_seq_one_letter_code_can 
_entity_poly.pdbx_strand_id 
_entity_poly.pdbx_target_identifier 
1 'polypeptide(L)' no yes 'A(DVA)V(DVA)W(DLE)W(DLE)W(DLE)W'         AVVVWLWLWLW     A ? 
2 'polypeptide(L)' no yes 'VGA(DLE)A(DVA)V(DVA)W(DLE)W(DLE)W(DLE)W' VGALAVVVWLWLWLW B ? 
# 
_pdbx_entity_nonpoly.entity_id   3 
_pdbx_entity_nonpoly.name        'SUCCINIC ACID' 
_pdbx_entity_nonpoly.comp_id     SIN 
# 
loop_
_entity_poly_seq.entity_id 
_entity_poly_seq.num 
_entity_poly_seq.mon_id 
_entity_poly_seq.hetero 
1 1  ALA n 
1 2  DVA n 
1 3  VAL n 
1 4  DVA n 
1 5  TRP n 
1 6  DLE n 
1 7  TRP n 
1 8  DLE n 
1 9  TRP n 
1 10 DLE n 
1 11 TRP n 
2 1  VAL n 
2 2  GLY n 
2 3  ALA n 
2 4  DLE n 
2 5  ALA n 
2 6  DVA n 
2 7  VAL n 
2 8  DVA n 
2 9  TRP n 
2 10 DLE n 
2 11 TRP n 
2 12 DLE n 
2 13 TRP n 
2 14 DLE n 
2 15 TRP n 
# 
loop_
_pdbx_entity_src_syn.entity_id 
_pdbx_entity_src_syn.pdbx_src_id 
_pdbx_entity_src_syn.pdbx_alt_source_flag 
_pdbx_entity_src_syn.pdbx_beg_seq_num 
_pdbx_entity_src_syn.pdbx_end_seq_num 
_pdbx_entity_src_syn.organism_scientific 
_pdbx_entity_src_syn.organism_common_name 
_pdbx_entity_src_syn.ncbi_taxonomy_id 
_pdbx_entity_src_syn.details 
1 1 sample ? ? 'BREVIBACILLUS BREVIS' ? 1393 ? 
2 1 sample ? ? 'BREVIBACILLUS BREVIS' ? 1393 ? 
# 
loop_
_chem_comp.id 
_chem_comp.type 
_chem_comp.mon_nstd_flag 
_chem_comp.name 
_chem_comp.pdbx_synonyms 
_chem_comp.formula 
_chem_comp.formula_weight 
ALA 'L-peptide linking' y ALANINE         ? 'C3 H7 N O2'    89.093  
DLE 'D-peptide linking' . D-LEUCINE       ? 'C6 H13 N O2'   131.173 
DVA 'D-peptide linking' . D-VALINE        ? 'C5 H11 N O2'   117.146 
GLY 'peptide linking'   y GLYCINE         ? 'C2 H5 N O2'    75.067  
SIN non-polymer         . 'SUCCINIC ACID' ? 'C4 H6 O4'      118.088 
TRP 'L-peptide linking' y TRYPTOPHAN      ? 'C11 H12 N2 O2' 204.225 
VAL 'L-peptide linking' y VALINE          ? 'C5 H11 N O2'   117.146 
# 
loop_
_pdbx_poly_seq_scheme.asym_id 
_pdbx_poly_seq_scheme.entity_id 
_pdbx_poly_seq_scheme.seq_id 
_pdbx_poly_seq_scheme.mon_id 
_pdbx_poly_seq_scheme.ndb_seq_num 
_pdbx_poly_seq_scheme.pdb_seq_num 
_pdbx_poly_seq_scheme.auth_seq_num 
_pdbx_poly_seq_scheme.pdb_mon_id 
_pdbx_poly_seq_scheme.auth_mon_id 
_pdbx_poly_seq_scheme.pdb_strand_id 
_pdbx_poly_seq_scheme.pdb_ins_code 
_pdbx_poly_seq_scheme.hetero 
A 1 1  ALA 1  5  5  ALA ALA A . n 
A 1 2  DVA 2  6  6  DVA DVA A . n 
A 1 3  VAL 3  7  7  VAL VAL A . n 
A 1 4  DVA 4  8  8  DVA DVA A . n 
A 1 5  TRP 5  9  9  TRP TRP A . n 
A 1 6  DLE 6  10 10 DLE DLE A . n 
A 1 7  TRP 7  11 11 TRP TRP A . n 
A 1 8  DLE 8  12 12 DLE DLE A . n 
A 1 9  TRP 9  13 13 TRP TRP A . n 
A 1 10 DLE 10 14 14 DLE DLE A . n 
A 1 11 TRP 11 15 15 TRP TRP A . n 
B 2 1  VAL 1  1  1  VAL VAL B . n 
B 2 2  GLY 2  2  2  GLY GLY B . n 
B 2 3  ALA 3  3  3  ALA ALA B . n 
B 2 4  DLE 4  4  4  DLE DLE B . n 
B 2 5  ALA 5  5  5  ALA ALA B . n 
B 2 6  DVA 6  6  6  DVA DVA B . n 
B 2 7  VAL 7  7  7  VAL VAL B . n 
B 2 8  DVA 8  8  8  DVA DVA B . n 
B 2 9  TRP 9  9  9  TRP TRP B . n 
B 2 10 DLE 10 10 10 DLE DLE B . n 
B 2 11 TRP 11 11 11 TRP TRP B . n 
B 2 12 DLE 12 12 12 DLE DLE B . n 
B 2 13 TRP 13 13 13 TRP TRP B . n 
B 2 14 DLE 14 14 14 DLE DLE B . n 
B 2 15 TRP 15 15 15 TRP TRP B . n 
# 
_pdbx_nonpoly_scheme.asym_id         C 
_pdbx_nonpoly_scheme.entity_id       3 
_pdbx_nonpoly_scheme.mon_id          SIN 
_pdbx_nonpoly_scheme.ndb_seq_num     1 
_pdbx_nonpoly_scheme.pdb_seq_num     101 
_pdbx_nonpoly_scheme.auth_seq_num    0 
_pdbx_nonpoly_scheme.pdb_mon_id      SIN 
_pdbx_nonpoly_scheme.auth_mon_id     SIN 
_pdbx_nonpoly_scheme.pdb_strand_id   B 
_pdbx_nonpoly_scheme.pdb_ins_code    . 
# 
_cell.entry_id           1TKQ 
_cell.length_a           1.000 
_cell.length_b           1.000 
_cell.length_c           1.000 
_cell.angle_alpha        90.00 
_cell.angle_beta         90.00 
_cell.angle_gamma        90.00 
_cell.Z_PDB              1 
_cell.pdbx_unique_axis   ? 
# 
_symmetry.entry_id                         1TKQ 
_symmetry.space_group_name_H-M             'P 1' 
_symmetry.pdbx_full_space_group_name_H-M   ? 
_symmetry.cell_setting                     ? 
_symmetry.Int_Tables_number                1 
# 
_exptl.entry_id          1TKQ 
_exptl.method            'SOLUTION NMR' 
_exptl.crystals_number   ? 
# 
_struct.entry_id                  1TKQ 
_struct.title                     
'SOLUTION STRUCTURE OF A LINKED UNSYMMETRIC GRAMICIDIN IN A MEMBRANE-ISOELECTRICAL SOLVENTS MIXTURE IN THE PRESENCE OF CsCl' 
_struct.pdbx_model_details        ? 
_struct.pdbx_CASP_flag            ? 
_struct.pdbx_model_type_details   'MINIMIZED AVERAGE' 
# 
_struct_keywords.entry_id        1TKQ 
_struct_keywords.pdbx_keywords   ANTIBIOTIC 
_struct_keywords.text            'GRAMICIDIN, ANTIFUNGAL, ANTIBACTERIAL, ANTIBIOTIC, MEMBRANE ION CHANNEL, LINEAR GRAMICIDIN' 
# 
loop_
_struct_asym.id 
_struct_asym.pdbx_blank_PDB_chainid_flag 
_struct_asym.pdbx_modified 
_struct_asym.entity_id 
_struct_asym.details 
A N N 1 ? 
B N N 2 ? 
C N N 3 ? 
# 
loop_
_struct_ref.id 
_struct_ref.db_name 
_struct_ref.db_code 
_struct_ref.entity_id 
_struct_ref.pdbx_seq_one_letter_code 
_struct_ref.pdbx_align_begin 
_struct_ref.pdbx_db_accession 
_struct_ref.pdbx_db_isoform 
1 NOR NOR00243 1 ? ? NOR00243 ? 
2 NOR NOR00243 2 ? ? NOR00243 ? 
# 
loop_
_struct_ref_seq.align_id 
_struct_ref_seq.ref_id 
_struct_ref_seq.pdbx_PDB_id_code 
_struct_ref_seq.pdbx_strand_id 
_struct_ref_seq.seq_align_beg 
_struct_ref_seq.pdbx_seq_align_beg_ins_code 
_struct_ref_seq.seq_align_end 
_struct_ref_seq.pdbx_seq_align_end_ins_code 
_struct_ref_seq.pdbx_db_accession 
_struct_ref_seq.db_align_beg 
_struct_ref_seq.pdbx_db_align_beg_ins_code 
_struct_ref_seq.db_align_end 
_struct_ref_seq.pdbx_db_align_end_ins_code 
_struct_ref_seq.pdbx_auth_seq_align_beg 
_struct_ref_seq.pdbx_auth_seq_align_end 
1 1 1TKQ A 1 ? 11 ? NOR00243 5 ? 15 ? 5 15 
2 2 1TKQ B 1 ? 15 ? NOR00243 1 ? 15 ? 1 15 
# 
_pdbx_struct_assembly.id                   1 
_pdbx_struct_assembly.details              software_defined_assembly 
_pdbx_struct_assembly.method_details       PISA 
_pdbx_struct_assembly.oligomeric_details   dimeric 
_pdbx_struct_assembly.oligomeric_count     2 
# 
loop_
_pdbx_struct_assembly_prop.biol_id 
_pdbx_struct_assembly_prop.type 
_pdbx_struct_assembly_prop.value 
_pdbx_struct_assembly_prop.details 
1 'ABSA (A^2)' 760  ? 
1 MORE         6    ? 
1 'SSA (A^2)'  2810 ? 
# 
_pdbx_struct_assembly_gen.assembly_id       1 
_pdbx_struct_assembly_gen.oper_expression   1 
_pdbx_struct_assembly_gen.asym_id_list      A,B,C 
# 
_pdbx_struct_oper_list.id                   1 
_pdbx_struct_oper_list.type                 'identity operation' 
_pdbx_struct_oper_list.name                 1_555 
_pdbx_struct_oper_list.symmetry_operation   ? 
_pdbx_struct_oper_list.matrix[1][1]         1.0000000000 
_pdbx_struct_oper_list.matrix[1][2]         0.0000000000 
_pdbx_struct_oper_list.matrix[1][3]         0.0000000000 
_pdbx_struct_oper_list.vector[1]            0.0000000000 
_pdbx_struct_oper_list.matrix[2][1]         0.0000000000 
_pdbx_struct_oper_list.matrix[2][2]         1.0000000000 
_pdbx_struct_oper_list.matrix[2][3]         0.0000000000 
_pdbx_struct_oper_list.vector[2]            0.0000000000 
_pdbx_struct_oper_list.matrix[3][1]         0.0000000000 
_pdbx_struct_oper_list.matrix[3][2]         0.0000000000 
_pdbx_struct_oper_list.matrix[3][3]         1.0000000000 
_pdbx_struct_oper_list.vector[3]            0.0000000000 
# 
loop_
_struct_conn.id 
_struct_conn.conn_type_id 
_struct_conn.pdbx_leaving_atom_flag 
_struct_conn.pdbx_PDB_id 
_struct_conn.ptnr1_label_asym_id 
_struct_conn.ptnr1_label_comp_id 
_struct_conn.ptnr1_label_seq_id 
_struct_conn.ptnr1_label_atom_id 
_struct_conn.pdbx_ptnr1_label_alt_id 
_struct_conn.pdbx_ptnr1_PDB_ins_code 
_struct_conn.pdbx_ptnr1_standard_comp_id 
_struct_conn.ptnr1_symmetry 
_struct_conn.ptnr2_label_asym_id 
_struct_conn.ptnr2_label_comp_id 
_struct_conn.ptnr2_label_seq_id 
_struct_conn.ptnr2_label_atom_id 
_struct_conn.pdbx_ptnr2_label_alt_id 
_struct_conn.pdbx_ptnr2_PDB_ins_code 
_struct_conn.ptnr1_auth_asym_id 
_struct_conn.ptnr1_auth_comp_id 
_struct_conn.ptnr1_auth_seq_id 
_struct_conn.ptnr2_auth_asym_id 
_struct_conn.ptnr2_auth_comp_id 
_struct_conn.ptnr2_auth_seq_id 
_struct_conn.ptnr2_symmetry 
_struct_conn.pdbx_ptnr3_label_atom_id 
_struct_conn.pdbx_ptnr3_label_seq_id 
_struct_conn.pdbx_ptnr3_label_comp_id 
_struct_conn.pdbx_ptnr3_label_asym_id 
_struct_conn.pdbx_ptnr3_label_alt_id 
_struct_conn.pdbx_ptnr3_PDB_ins_code 
_struct_conn.details 
_struct_conn.pdbx_dist_value 
_struct_conn.pdbx_value_order 
_struct_conn.pdbx_role 
covale1  covale both ? A ALA 1  C ? ? ? 1_555 A DVA 2  N  ? ? A ALA 5  A DVA 6   1_555 ? ? ? ? ? ? ? 1.355 ? ? 
covale2  covale both ? A ALA 1  N ? ? ? 1_555 C SIN .  C1 ? ? A ALA 5  B SIN 101 1_555 ? ? ? ? ? ? ? 1.350 ? ? 
covale3  covale both ? A DVA 2  C ? ? ? 1_555 A VAL 3  N  ? ? A DVA 6  A VAL 7   1_555 ? ? ? ? ? ? ? 1.354 ? ? 
covale4  covale both ? A VAL 3  C ? ? ? 1_555 A DVA 4  N  ? ? A VAL 7  A DVA 8   1_555 ? ? ? ? ? ? ? 1.355 ? ? 
covale5  covale both ? A DVA 4  C ? ? ? 1_555 A TRP 5  N  ? ? A DVA 8  A TRP 9   1_555 ? ? ? ? ? ? ? 1.357 ? ? 
covale6  covale both ? A TRP 5  C ? ? ? 1_555 A DLE 6  N  ? ? A TRP 9  A DLE 10  1_555 ? ? ? ? ? ? ? 1.355 ? ? 
covale7  covale both ? A DLE 6  C ? ? ? 1_555 A TRP 7  N  ? ? A DLE 10 A TRP 11  1_555 ? ? ? ? ? ? ? 1.356 ? ? 
covale8  covale both ? A TRP 7  C ? ? ? 1_555 A DLE 8  N  ? ? A TRP 11 A DLE 12  1_555 ? ? ? ? ? ? ? 1.356 ? ? 
covale9  covale both ? A DLE 8  C ? ? ? 1_555 A TRP 9  N  ? ? A DLE 12 A TRP 13  1_555 ? ? ? ? ? ? ? 1.355 ? ? 
covale10 covale both ? A TRP 9  C ? ? ? 1_555 A DLE 10 N  ? ? A TRP 13 A DLE 14  1_555 ? ? ? ? ? ? ? 1.356 ? ? 
covale11 covale both ? A DLE 10 C ? ? ? 1_555 A TRP 11 N  ? ? A DLE 14 A TRP 15  1_555 ? ? ? ? ? ? ? 1.353 ? ? 
covale12 covale both ? B VAL 1  N ? ? ? 1_555 C SIN .  C4 ? ? B VAL 1  B SIN 101 1_555 ? ? ? ? ? ? ? 1.352 ? ? 
covale13 covale both ? B ALA 3  C ? ? ? 1_555 B DLE 4  N  ? ? B ALA 3  B DLE 4   1_555 ? ? ? ? ? ? ? 1.353 ? ? 
covale14 covale both ? B DLE 4  C ? ? ? 1_555 B ALA 5  N  ? ? B DLE 4  B ALA 5   1_555 ? ? ? ? ? ? ? 1.354 ? ? 
covale15 covale both ? B ALA 5  C ? ? ? 1_555 B DVA 6  N  ? ? B ALA 5  B DVA 6   1_555 ? ? ? ? ? ? ? 1.355 ? ? 
covale16 covale both ? B DVA 6  C ? ? ? 1_555 B VAL 7  N  ? ? B DVA 6  B VAL 7   1_555 ? ? ? ? ? ? ? 1.353 ? ? 
covale17 covale both ? B VAL 7  C ? ? ? 1_555 B DVA 8  N  ? ? B VAL 7  B DVA 8   1_555 ? ? ? ? ? ? ? 1.351 ? ? 
covale18 covale both ? B DVA 8  C ? ? ? 1_555 B TRP 9  N  ? ? B DVA 8  B TRP 9   1_555 ? ? ? ? ? ? ? 1.357 ? ? 
covale19 covale both ? B TRP 9  C ? ? ? 1_555 B DLE 10 N  ? ? B TRP 9  B DLE 10  1_555 ? ? ? ? ? ? ? 1.351 ? ? 
covale20 covale both ? B DLE 10 C ? ? ? 1_555 B TRP 11 N  ? ? B DLE 10 B TRP 11  1_555 ? ? ? ? ? ? ? 1.355 ? ? 
covale21 covale both ? B TRP 11 C ? ? ? 1_555 B DLE 12 N  ? ? B TRP 11 B DLE 12  1_555 ? ? ? ? ? ? ? 1.354 ? ? 
covale22 covale both ? B DLE 12 C ? ? ? 1_555 B TRP 13 N  ? ? B DLE 12 B TRP 13  1_555 ? ? ? ? ? ? ? 1.353 ? ? 
covale23 covale both ? B TRP 13 C ? ? ? 1_555 B DLE 14 N  ? ? B TRP 13 B DLE 14  1_555 ? ? ? ? ? ? ? 1.349 ? ? 
covale24 covale both ? B DLE 14 C ? ? ? 1_555 B TRP 15 N  ? ? B DLE 14 B TRP 15  1_555 ? ? ? ? ? ? ? 1.351 ? ? 
# 
_struct_conn_type.id          covale 
_struct_conn_type.criteria    ? 
_struct_conn_type.reference   ? 
# 
_struct_sheet.id               AA 
_struct_sheet.type             ? 
_struct_sheet.number_strands   3 
_struct_sheet.details          ? 
# 
loop_
_struct_sheet_order.sheet_id 
_struct_sheet_order.range_id_1 
_struct_sheet_order.range_id_2 
_struct_sheet_order.offset 
_struct_sheet_order.sense 
AA 1 2 ? parallel      
AA 2 3 ? anti-parallel 
# 
loop_
_struct_sheet_range.sheet_id 
_struct_sheet_range.id 
_struct_sheet_range.beg_label_comp_id 
_struct_sheet_range.beg_label_asym_id 
_struct_sheet_range.beg_label_seq_id 
_struct_sheet_range.pdbx_beg_PDB_ins_code 
_struct_sheet_range.end_label_comp_id 
_struct_sheet_range.end_label_asym_id 
_struct_sheet_range.end_label_seq_id 
_struct_sheet_range.pdbx_end_PDB_ins_code 
_struct_sheet_range.beg_auth_comp_id 
_struct_sheet_range.beg_auth_asym_id 
_struct_sheet_range.beg_auth_seq_id 
_struct_sheet_range.end_auth_comp_id 
_struct_sheet_range.end_auth_asym_id 
_struct_sheet_range.end_auth_seq_id 
AA 1 DLE A 8 ? TRP A 11 ? DLE A 12 TRP A 15 
AA 2 DVA A 2 ? TRP A 5  ? DVA A 6  TRP A 9  
AA 3 GLY B 2 ? TRP B 15 ? GLY B 2  TRP B 15 
# 
loop_
_pdbx_struct_sheet_hbond.sheet_id 
_pdbx_struct_sheet_hbond.range_id_1 
_pdbx_struct_sheet_hbond.range_id_2 
_pdbx_struct_sheet_hbond.range_1_label_atom_id 
_pdbx_struct_sheet_hbond.range_1_label_comp_id 
_pdbx_struct_sheet_hbond.range_1_label_asym_id 
_pdbx_struct_sheet_hbond.range_1_label_seq_id 
_pdbx_struct_sheet_hbond.range_1_PDB_ins_code 
_pdbx_struct_sheet_hbond.range_1_auth_atom_id 
_pdbx_struct_sheet_hbond.range_1_auth_comp_id 
_pdbx_struct_sheet_hbond.range_1_auth_asym_id 
_pdbx_struct_sheet_hbond.range_1_auth_seq_id 
_pdbx_struct_sheet_hbond.range_2_label_atom_id 
_pdbx_struct_sheet_hbond.range_2_label_comp_id 
_pdbx_struct_sheet_hbond.range_2_label_asym_id 
_pdbx_struct_sheet_hbond.range_2_label_seq_id 
_pdbx_struct_sheet_hbond.range_2_PDB_ins_code 
_pdbx_struct_sheet_hbond.range_2_auth_atom_id 
_pdbx_struct_sheet_hbond.range_2_auth_comp_id 
_pdbx_struct_sheet_hbond.range_2_auth_asym_id 
_pdbx_struct_sheet_hbond.range_2_auth_seq_id 
AA 1 2 N TRP A 9 ? N TRP A 13 O DVA A 2 ? O DVA A 6 
AA 2 3 N VAL A 3 ? N VAL A 7  O ALA B 3 ? O ALA B 3 
# 
_pdbx_entry_details.entry_id                   1TKQ 
_pdbx_entry_details.compound_details           
;GRAMICIDIN IS A HETEROGENEOUS MIXTURE OF SEVERAL COMPOUNDS
INCLUDING GRAMICIDIN A, B AND C WHICH ARE OBTAINED FROM
BACILLUS BREVIS AND CALLED COLLECTIVELY GRAMICIDIN D
HERE, MODIFIDED GRAMICIDIN A IS REPRESENTED BY TWO SEQUENCES (SEQRES
AND ONE HET (SIN)
;
_pdbx_entry_details.source_details             ? 
_pdbx_entry_details.nonpolymer_details         ? 
_pdbx_entry_details.sequence_details           
;BOTH OF THE C-TERMINI HAVE ETHANOLAMINE ATTACHED WITH
THE CAPPING GROUP T-BUTYLDIPHENYLSILYL, WHICH WAS APPLIED
TO ENHANCE THE SOLUBILITY AND STABILITY OF THE STRUCTURE
IN ORGANIC SOLVENTS. OWING TO AMBIGUITY IN RESONANCE
ASSIGNMENT OF THE TERMINI AND THEREFORE A LACK OF ENOUGH
NOE CONSTRAINTS, THE T-BUTYLDIPHENYLSILYL TERMINI WERE
OMITTED IN THE STRUCTURE CALCULATION.
;
_pdbx_entry_details.has_ligand_of_interest     ? 
_pdbx_entry_details.has_protein_modification   N 
# 
loop_
_pdbx_validate_rmsd_angle.id 
_pdbx_validate_rmsd_angle.PDB_model_num 
_pdbx_validate_rmsd_angle.auth_atom_id_1 
_pdbx_validate_rmsd_angle.auth_asym_id_1 
_pdbx_validate_rmsd_angle.auth_comp_id_1 
_pdbx_validate_rmsd_angle.auth_seq_id_1 
_pdbx_validate_rmsd_angle.PDB_ins_code_1 
_pdbx_validate_rmsd_angle.label_alt_id_1 
_pdbx_validate_rmsd_angle.auth_atom_id_2 
_pdbx_validate_rmsd_angle.auth_asym_id_2 
_pdbx_validate_rmsd_angle.auth_comp_id_2 
_pdbx_validate_rmsd_angle.auth_seq_id_2 
_pdbx_validate_rmsd_angle.PDB_ins_code_2 
_pdbx_validate_rmsd_angle.label_alt_id_2 
_pdbx_validate_rmsd_angle.auth_atom_id_3 
_pdbx_validate_rmsd_angle.auth_asym_id_3 
_pdbx_validate_rmsd_angle.auth_comp_id_3 
_pdbx_validate_rmsd_angle.auth_seq_id_3 
_pdbx_validate_rmsd_angle.PDB_ins_code_3 
_pdbx_validate_rmsd_angle.label_alt_id_3 
_pdbx_validate_rmsd_angle.angle_value 
_pdbx_validate_rmsd_angle.angle_target_value 
_pdbx_validate_rmsd_angle.angle_deviation 
_pdbx_validate_rmsd_angle.angle_standard_deviation 
_pdbx_validate_rmsd_angle.linker_flag 
1 1 CE2 A TRP 15 ? ? CD2 A TRP 15 ? ? CG A TRP 15 ? ? 102.39 107.30 -4.91 0.80 N 
2 1 CE2 B TRP 9  ? ? CD2 B TRP 9  ? ? CG B TRP 9  ? ? 102.37 107.30 -4.93 0.80 N 
3 1 CE2 B TRP 11 ? ? CD2 B TRP 11 ? ? CG B TRP 11 ? ? 102.43 107.30 -4.87 0.80 N 
4 1 CE2 B TRP 13 ? ? CD2 B TRP 13 ? ? CG B TRP 13 ? ? 102.41 107.30 -4.89 0.80 N 
5 1 CE2 B TRP 15 ? ? CD2 B TRP 15 ? ? CG B TRP 15 ? ? 102.43 107.30 -4.87 0.80 N 
# 
_pdbx_molecule_features.prd_id    PRD_000155 
_pdbx_molecule_features.name      'MINI-GRAMICIDIN A - GRAMICIDIN A DIMER' 
_pdbx_molecule_features.type      Polypeptide 
_pdbx_molecule_features.class     Antibiotic 
_pdbx_molecule_features.details   
;THE N-TERMINI OF THE TWO PEPTIDES, EACH A
 TRUNCATED GRAMICIDIN A, WERE LINKED BY A SUCCINIC
 ACID IN A HEAD-TO-HEAD MANNER.
;
# 
loop_
_pdbx_molecule.instance_id 
_pdbx_molecule.prd_id 
_pdbx_molecule.asym_id 
1 PRD_000155 A 
1 PRD_000155 B 
1 PRD_000155 C 
# 
_pdbx_nmr_ensemble.entry_id                                      1TKQ 
_pdbx_nmr_ensemble.conformers_calculated_total_number            50 
_pdbx_nmr_ensemble.conformers_submitted_total_number             1 
_pdbx_nmr_ensemble.conformer_selection_criteria                  
'MINIMIZED AVERAGE STRUCTURE OF 11 STRUCTURES WITH THE LOWEST TARGET FUNCTION' 
_pdbx_nmr_ensemble.average_constraints_per_residue               ? 
_pdbx_nmr_ensemble.average_constraint_violations_per_residue     ? 
_pdbx_nmr_ensemble.maximum_distance_constraint_violation         ? 
_pdbx_nmr_ensemble.average_distance_constraint_violation         ? 
_pdbx_nmr_ensemble.maximum_upper_distance_constraint_violation   ? 
_pdbx_nmr_ensemble.maximum_lower_distance_constraint_violation   ? 
_pdbx_nmr_ensemble.distance_constraint_violation_method          ? 
_pdbx_nmr_ensemble.maximum_torsion_angle_constraint_violation    ? 
_pdbx_nmr_ensemble.average_torsion_angle_constraint_violation    ? 
_pdbx_nmr_ensemble.torsion_angle_constraint_violation_method     ? 
# 
_pdbx_nmr_representative.entry_id             1TKQ 
_pdbx_nmr_representative.conformer_id         1 
_pdbx_nmr_representative.selection_criteria   ? 
# 
_pdbx_nmr_sample_details.solution_id      1 
_pdbx_nmr_sample_details.contents         '3MM SATURATED WITH CSCL' 
_pdbx_nmr_sample_details.solvent_system   ? 
# 
_pdbx_nmr_exptl_sample_conditions.conditions_id       1 
_pdbx_nmr_exptl_sample_conditions.temperature         293 
_pdbx_nmr_exptl_sample_conditions.pressure_units      ? 
_pdbx_nmr_exptl_sample_conditions.pressure            ? 
_pdbx_nmr_exptl_sample_conditions.pH                  ? 
_pdbx_nmr_exptl_sample_conditions.ionic_strength      ? 
_pdbx_nmr_exptl_sample_conditions.temperature_units   K 
# 
loop_
_pdbx_nmr_exptl.experiment_id 
_pdbx_nmr_exptl.conditions_id 
_pdbx_nmr_exptl.type 
_pdbx_nmr_exptl.solution_id 
1 1 DQF-COSY   1 
2 1 '2D NOESY' 1 
# 
_pdbx_nmr_details.entry_id   1TKQ 
_pdbx_nmr_details.text       
;VARIABLE TEMPERATURE EXPERIMENTS WERE PERFORMED TO HAVE THE TEMPERATURE DEPENDENCE OF NH CHEMICAL SHIFTS, THEREFORE PROVIDE EVIDENCE FOR HYDROGEN BONDING.
;
# 
_pdbx_nmr_refine.entry_id           1TKQ 
_pdbx_nmr_refine.method             'simulated annealing' 
_pdbx_nmr_refine.details            
;THE STRUCTURES ARE BASED ON 160 NOE- DERIVED DISTANCE CONSTRAINTS, 39 DIHEDRAL ANGLE RESTRAINTS, AND 40 DISTANCE RESTRAINTS FROM HYDROGEN BONDS
;
_pdbx_nmr_refine.software_ordinal   1 
# 
loop_
_pdbx_nmr_software.classification 
_pdbx_nmr_software.name 
_pdbx_nmr_software.version 
_pdbx_nmr_software.authors 
_pdbx_nmr_software.ordinal 
refinement           'SYBYL/DYANA 6.8' ? GUENTERT 1 
'structure solution' 'SYBYL/DYANA 6.8' ? ?        2 
# 
loop_
_chem_comp_atom.comp_id 
_chem_comp_atom.atom_id 
_chem_comp_atom.type_symbol 
_chem_comp_atom.pdbx_aromatic_flag 
_chem_comp_atom.pdbx_stereo_config 
_chem_comp_atom.pdbx_ordinal 
ALA N    N N N 1   
ALA CA   C N S 2   
ALA C    C N N 3   
ALA O    O N N 4   
ALA CB   C N N 5   
ALA OXT  O N N 6   
ALA H    H N N 7   
ALA H2   H N N 8   
ALA HA   H N N 9   
ALA HB1  H N N 10  
ALA HB2  H N N 11  
ALA HB3  H N N 12  
ALA HXT  H N N 13  
DLE N    N N N 14  
DLE CA   C N R 15  
DLE CB   C N N 16  
DLE CG   C N N 17  
DLE CD1  C N N 18  
DLE CD2  C N N 19  
DLE C    C N N 20  
DLE O    O N N 21  
DLE OXT  O N N 22  
DLE H    H N N 23  
DLE H2   H N N 24  
DLE HA   H N N 25  
DLE HB2  H N N 26  
DLE HB3  H N N 27  
DLE HG   H N N 28  
DLE HD11 H N N 29  
DLE HD12 H N N 30  
DLE HD13 H N N 31  
DLE HD21 H N N 32  
DLE HD22 H N N 33  
DLE HD23 H N N 34  
DLE HXT  H N N 35  
DVA N    N N N 36  
DVA CA   C N R 37  
DVA CB   C N N 38  
DVA CG1  C N N 39  
DVA CG2  C N N 40  
DVA C    C N N 41  
DVA O    O N N 42  
DVA OXT  O N N 43  
DVA H    H N N 44  
DVA H2   H N N 45  
DVA HA   H N N 46  
DVA HB   H N N 47  
DVA HG11 H N N 48  
DVA HG12 H N N 49  
DVA HG13 H N N 50  
DVA HG21 H N N 51  
DVA HG22 H N N 52  
DVA HG23 H N N 53  
DVA HXT  H N N 54  
GLY N    N N N 55  
GLY CA   C N N 56  
GLY C    C N N 57  
GLY O    O N N 58  
GLY OXT  O N N 59  
GLY H    H N N 60  
GLY H2   H N N 61  
GLY HA2  H N N 62  
GLY HA3  H N N 63  
GLY HXT  H N N 64  
SIN C1   C N N 65  
SIN O1   O N N 66  
SIN O2   O N N 67  
SIN C2   C N N 68  
SIN C3   C N N 69  
SIN C4   C N N 70  
SIN O3   O N N 71  
SIN O4   O N N 72  
SIN HO2  H N N 73  
SIN H21  H N N 74  
SIN H22  H N N 75  
SIN H31  H N N 76  
SIN H32  H N N 77  
SIN HO4  H N N 78  
TRP N    N N N 79  
TRP CA   C N S 80  
TRP C    C N N 81  
TRP O    O N N 82  
TRP CB   C N N 83  
TRP CG   C Y N 84  
TRP CD1  C Y N 85  
TRP CD2  C Y N 86  
TRP NE1  N Y N 87  
TRP CE2  C Y N 88  
TRP CE3  C Y N 89  
TRP CZ2  C Y N 90  
TRP CZ3  C Y N 91  
TRP CH2  C Y N 92  
TRP OXT  O N N 93  
TRP H    H N N 94  
TRP H2   H N N 95  
TRP HA   H N N 96  
TRP HB2  H N N 97  
TRP HB3  H N N 98  
TRP HD1  H N N 99  
TRP HE1  H N N 100 
TRP HE3  H N N 101 
TRP HZ2  H N N 102 
TRP HZ3  H N N 103 
TRP HH2  H N N 104 
TRP HXT  H N N 105 
VAL N    N N N 106 
VAL CA   C N S 107 
VAL C    C N N 108 
VAL O    O N N 109 
VAL CB   C N N 110 
VAL CG1  C N N 111 
VAL CG2  C N N 112 
VAL OXT  O N N 113 
VAL H    H N N 114 
VAL H2   H N N 115 
VAL HA   H N N 116 
VAL HB   H N N 117 
VAL HG11 H N N 118 
VAL HG12 H N N 119 
VAL HG13 H N N 120 
VAL HG21 H N N 121 
VAL HG22 H N N 122 
VAL HG23 H N N 123 
VAL HXT  H N N 124 
# 
loop_
_chem_comp_bond.comp_id 
_chem_comp_bond.atom_id_1 
_chem_comp_bond.atom_id_2 
_chem_comp_bond.value_order 
_chem_comp_bond.pdbx_aromatic_flag 
_chem_comp_bond.pdbx_stereo_config 
_chem_comp_bond.pdbx_ordinal 
ALA N   CA   sing N N 1   
ALA N   H    sing N N 2   
ALA N   H2   sing N N 3   
ALA CA  C    sing N N 4   
ALA CA  CB   sing N N 5   
ALA CA  HA   sing N N 6   
ALA C   O    doub N N 7   
ALA C   OXT  sing N N 8   
ALA CB  HB1  sing N N 9   
ALA CB  HB2  sing N N 10  
ALA CB  HB3  sing N N 11  
ALA OXT HXT  sing N N 12  
DLE N   CA   sing N N 13  
DLE N   H    sing N N 14  
DLE N   H2   sing N N 15  
DLE CA  CB   sing N N 16  
DLE CA  C    sing N N 17  
DLE CA  HA   sing N N 18  
DLE CB  CG   sing N N 19  
DLE CB  HB2  sing N N 20  
DLE CB  HB3  sing N N 21  
DLE CG  CD1  sing N N 22  
DLE CG  CD2  sing N N 23  
DLE CG  HG   sing N N 24  
DLE CD1 HD11 sing N N 25  
DLE CD1 HD12 sing N N 26  
DLE CD1 HD13 sing N N 27  
DLE CD2 HD21 sing N N 28  
DLE CD2 HD22 sing N N 29  
DLE CD2 HD23 sing N N 30  
DLE C   O    doub N N 31  
DLE C   OXT  sing N N 32  
DLE OXT HXT  sing N N 33  
DVA N   CA   sing N N 34  
DVA N   H    sing N N 35  
DVA N   H2   sing N N 36  
DVA CA  CB   sing N N 37  
DVA CA  C    sing N N 38  
DVA CA  HA   sing N N 39  
DVA CB  CG1  sing N N 40  
DVA CB  CG2  sing N N 41  
DVA CB  HB   sing N N 42  
DVA CG1 HG11 sing N N 43  
DVA CG1 HG12 sing N N 44  
DVA CG1 HG13 sing N N 45  
DVA CG2 HG21 sing N N 46  
DVA CG2 HG22 sing N N 47  
DVA CG2 HG23 sing N N 48  
DVA C   O    doub N N 49  
DVA C   OXT  sing N N 50  
DVA OXT HXT  sing N N 51  
GLY N   CA   sing N N 52  
GLY N   H    sing N N 53  
GLY N   H2   sing N N 54  
GLY CA  C    sing N N 55  
GLY CA  HA2  sing N N 56  
GLY CA  HA3  sing N N 57  
GLY C   O    doub N N 58  
GLY C   OXT  sing N N 59  
GLY OXT HXT  sing N N 60  
SIN C1  O1   doub N N 61  
SIN C1  O2   sing N N 62  
SIN C1  C2   sing N N 63  
SIN O2  HO2  sing N N 64  
SIN C2  C3   sing N N 65  
SIN C2  H21  sing N N 66  
SIN C2  H22  sing N N 67  
SIN C3  C4   sing N N 68  
SIN C3  H31  sing N N 69  
SIN C3  H32  sing N N 70  
SIN C4  O3   doub N N 71  
SIN C4  O4   sing N N 72  
SIN O4  HO4  sing N N 73  
TRP N   CA   sing N N 74  
TRP N   H    sing N N 75  
TRP N   H2   sing N N 76  
TRP CA  C    sing N N 77  
TRP CA  CB   sing N N 78  
TRP CA  HA   sing N N 79  
TRP C   O    doub N N 80  
TRP C   OXT  sing N N 81  
TRP CB  CG   sing N N 82  
TRP CB  HB2  sing N N 83  
TRP CB  HB3  sing N N 84  
TRP CG  CD1  doub Y N 85  
TRP CG  CD2  sing Y N 86  
TRP CD1 NE1  sing Y N 87  
TRP CD1 HD1  sing N N 88  
TRP CD2 CE2  doub Y N 89  
TRP CD2 CE3  sing Y N 90  
TRP NE1 CE2  sing Y N 91  
TRP NE1 HE1  sing N N 92  
TRP CE2 CZ2  sing Y N 93  
TRP CE3 CZ3  doub Y N 94  
TRP CE3 HE3  sing N N 95  
TRP CZ2 CH2  doub Y N 96  
TRP CZ2 HZ2  sing N N 97  
TRP CZ3 CH2  sing Y N 98  
TRP CZ3 HZ3  sing N N 99  
TRP CH2 HH2  sing N N 100 
TRP OXT HXT  sing N N 101 
VAL N   CA   sing N N 102 
VAL N   H    sing N N 103 
VAL N   H2   sing N N 104 
VAL CA  C    sing N N 105 
VAL CA  CB   sing N N 106 
VAL CA  HA   sing N N 107 
VAL C   O    doub N N 108 
VAL C   OXT  sing N N 109 
VAL CB  CG1  sing N N 110 
VAL CB  CG2  sing N N 111 
VAL CB  HB   sing N N 112 
VAL CG1 HG11 sing N N 113 
VAL CG1 HG12 sing N N 114 
VAL CG1 HG13 sing N N 115 
VAL CG2 HG21 sing N N 116 
VAL CG2 HG22 sing N N 117 
VAL CG2 HG23 sing N N 118 
VAL OXT HXT  sing N N 119 
# 
_pdbx_nmr_spectrometer.spectrometer_id   1 
_pdbx_nmr_spectrometer.model             AVANCE 
_pdbx_nmr_spectrometer.manufacturer      Bruker 
_pdbx_nmr_spectrometer.field_strength    800 
_pdbx_nmr_spectrometer.type              ? 
# 
_atom_sites.entry_id                    1TKQ 
_atom_sites.fract_transf_matrix[1][1]   1.000000 
_atom_sites.fract_transf_matrix[1][2]   0.000000 
_atom_sites.fract_transf_matrix[1][3]   0.000000 
_atom_sites.fract_transf_matrix[2][1]   0.000000 
_atom_sites.fract_transf_matrix[2][2]   1.000000 
_atom_sites.fract_transf_matrix[2][3]   0.000000 
_atom_sites.fract_transf_matrix[3][1]   0.000000 
_atom_sites.fract_transf_matrix[3][2]   0.000000 
_atom_sites.fract_transf_matrix[3][3]   1.000000 
_atom_sites.fract_transf_vector[1]      0.00000 
_atom_sites.fract_transf_vector[2]      0.00000 
_atom_sites.fract_transf_vector[3]      0.00000 
# 
loop_
_atom_type.symbol 
C 
H 
N 
O 
# 
loop_
_atom_site.group_PDB 
_atom_site.id 
_atom_site.type_symbol 
_atom_site.label_atom_id 
_atom_site.label_alt_id 
_atom_site.label_comp_id 
_atom_site.label_asym_id 
_atom_site.label_entity_id 
_atom_site.label_seq_id 
_atom_site.pdbx_PDB_ins_code 
_atom_site.Cartn_x 
_atom_site.Cartn_y 
_atom_site.Cartn_z 
_atom_site.occupancy 
_atom_site.B_iso_or_equiv 
_atom_site.pdbx_formal_charge 
_atom_site.auth_seq_id 
_atom_site.auth_comp_id 
_atom_site.auth_asym_id 
_atom_site.auth_atom_id 
_atom_site.pdbx_PDB_model_num 
ATOM   1   N N    . ALA A 1 1  ? -1.725 -0.901  3.379   1.00 0.00 ? 5   ALA A N    1 
ATOM   2   C CA   . ALA A 1 1  ? -0.954 -1.271  4.561   1.00 0.00 ? 5   ALA A CA   1 
ATOM   3   C C    . ALA A 1 1  ? 0.497  -0.938  4.287   1.00 0.00 ? 5   ALA A C    1 
ATOM   4   O O    . ALA A 1 1  ? 1.175  -1.752  3.678   1.00 0.00 ? 5   ALA A O    1 
ATOM   5   C CB   . ALA A 1 1  ? -1.164 -2.785  4.803   1.00 0.00 ? 5   ALA A CB   1 
ATOM   6   H H1   . ALA A 1 1  ? -1.309 -1.079  2.482   1.00 0.00 ? 5   ALA A H1   1 
ATOM   7   H HA   . ALA A 1 1  ? -1.279 -0.731  5.466   1.00 0.00 ? 5   ALA A HA   1 
ATOM   8   H HB1  . ALA A 1 1  ? -0.883 -3.356  3.907   1.00 0.00 ? 5   ALA A HB1  1 
ATOM   9   H HB2  . ALA A 1 1  ? -0.549 -3.126  5.651   1.00 0.00 ? 5   ALA A HB2  1 
ATOM   10  H HB3  . ALA A 1 1  ? -2.224 -2.986  5.026   1.00 0.00 ? 5   ALA A HB3  1 
HETATM 11  N N    . DVA A 1 2  ? 0.988  0.249   4.717   1.00 0.00 ? 6   DVA A N    1 
HETATM 12  C CA   . DVA A 1 2  ? 2.401  0.584   4.523   1.00 0.00 ? 6   DVA A CA   1 
HETATM 13  C CB   . DVA A 1 2  ? 3.213  0.166   5.785   1.00 0.00 ? 6   DVA A CB   1 
HETATM 14  C CG1  . DVA A 1 2  ? 4.739  0.321   5.534   1.00 0.00 ? 6   DVA A CG1  1 
HETATM 15  C CG2  . DVA A 1 2  ? 2.856  -1.260  6.289   1.00 0.00 ? 6   DVA A CG2  1 
HETATM 16  C C    . DVA A 1 2  ? 2.503  2.074   4.240   1.00 0.00 ? 6   DVA A C    1 
HETATM 17  O O    . DVA A 1 2  ? 2.630  2.851   5.175   1.00 0.00 ? 6   DVA A O    1 
HETATM 18  H HA   . DVA A 1 2  ? 2.821  0.040   3.664   1.00 0.00 ? 6   DVA A HA   1 
HETATM 19  H HB   . DVA A 1 2  ? 2.938  0.828   6.613   1.00 0.00 ? 6   DVA A HB   1 
HETATM 20  H HG11 . DVA A 1 2  ? 4.980  1.360   5.264   1.00 0.00 ? 6   DVA A HG11 1 
HETATM 21  H HG12 . DVA A 1 2  ? 5.307  0.063   6.442   1.00 0.00 ? 6   DVA A HG12 1 
HETATM 22  H HG13 . DVA A 1 2  ? 5.070  -0.337  4.717   1.00 0.00 ? 6   DVA A HG13 1 
HETATM 23  H HG21 . DVA A 1 2  ? 2.975  -2.000  5.489   1.00 0.00 ? 6   DVA A HG21 1 
HETATM 24  H HG22 . DVA A 1 2  ? 3.506  -1.548  7.130   1.00 0.00 ? 6   DVA A HG22 1 
HETATM 25  H HG23 . DVA A 1 2  ? 1.814  -1.299  6.642   1.00 0.00 ? 6   DVA A HG23 1 
ATOM   26  N N    . VAL A 1 3  ? 2.432  2.524   2.965   1.00 0.00 ? 7   VAL A N    1 
ATOM   27  C CA   . VAL A 1 3  ? 2.402  3.967   2.693   1.00 0.00 ? 7   VAL A CA   1 
ATOM   28  C C    . VAL A 1 3  ? 1.341  4.244   1.647   1.00 0.00 ? 7   VAL A C    1 
ATOM   29  O O    . VAL A 1 3  ? 1.428  3.624   0.599   1.00 0.00 ? 7   VAL A O    1 
ATOM   30  C CB   . VAL A 1 3  ? 3.790  4.510   2.245   1.00 0.00 ? 7   VAL A CB   1 
ATOM   31  C CG1  . VAL A 1 3  ? 3.861  6.056   2.410   1.00 0.00 ? 7   VAL A CG1  1 
ATOM   32  C CG2  . VAL A 1 3  ? 4.942  3.845   3.047   1.00 0.00 ? 7   VAL A CG2  1 
ATOM   33  H H    . VAL A 1 3  ? 2.402  1.891   2.183   1.00 0.00 ? 7   VAL A H    1 
ATOM   34  H HA   . VAL A 1 3  ? 2.126  4.515   3.599   1.00 0.00 ? 7   VAL A HA   1 
ATOM   35  H HB   . VAL A 1 3  ? 3.933  4.262   1.181   1.00 0.00 ? 7   VAL A HB   1 
ATOM   36  H HG11 . VAL A 1 3  ? 3.019  6.547   1.904   1.00 0.00 ? 7   VAL A HG11 1 
ATOM   37  H HG12 . VAL A 1 3  ? 3.829  6.335   3.474   1.00 0.00 ? 7   VAL A HG12 1 
ATOM   38  H HG13 . VAL A 1 3  ? 4.800  6.444   1.980   1.00 0.00 ? 7   VAL A HG13 1 
ATOM   39  H HG21 . VAL A 1 3  ? 4.965  2.759   2.870   1.00 0.00 ? 7   VAL A HG21 1 
ATOM   40  H HG22 . VAL A 1 3  ? 5.914  4.259   2.737   1.00 0.00 ? 7   VAL A HG22 1 
ATOM   41  H HG23 . VAL A 1 3  ? 4.814  4.025   4.125   1.00 0.00 ? 7   VAL A HG23 1 
HETATM 42  N N    . DVA A 1 4  ? 0.332  5.122   1.866   1.00 0.00 ? 8   DVA A N    1 
HETATM 43  C CA   . DVA A 1 4  ? -0.724 5.305   0.860   1.00 0.00 ? 8   DVA A CA   1 
HETATM 44  C CB   . DVA A 1 4  ? -0.412 6.430   -0.173  1.00 0.00 ? 8   DVA A CB   1 
HETATM 45  C CG1  . DVA A 1 4  ? -1.509 6.497   -1.276  1.00 0.00 ? 8   DVA A CG1  1 
HETATM 46  C CG2  . DVA A 1 4  ? 0.967  6.227   -0.859  1.00 0.00 ? 8   DVA A CG2  1 
HETATM 47  C C    . DVA A 1 4  ? -2.034 5.605   1.561   1.00 0.00 ? 8   DVA A C    1 
HETATM 48  O O    . DVA A 1 4  ? -2.010 6.430   2.461   1.00 0.00 ? 8   DVA A O    1 
HETATM 49  H HA   . DVA A 1 4  ? -0.863 4.370   0.305   1.00 0.00 ? 8   DVA A HA   1 
HETATM 50  H HB   . DVA A 1 4  ? -0.388 7.390   0.371   1.00 0.00 ? 8   DVA A HB   1 
HETATM 51  H HG11 . DVA A 1 4  ? -2.505 6.668   -0.849  1.00 0.00 ? 8   DVA A HG11 1 
HETATM 52  H HG12 . DVA A 1 4  ? -1.298 7.321   -1.975  1.00 0.00 ? 8   DVA A HG12 1 
HETATM 53  H HG13 . DVA A 1 4  ? -1.539 5.556   -1.847  1.00 0.00 ? 8   DVA A HG13 1 
HETATM 54  H HG21 . DVA A 1 4  ? 0.994  5.270   -1.401  1.00 0.00 ? 8   DVA A HG21 1 
HETATM 55  H HG22 . DVA A 1 4  ? 1.161  7.039   -1.578  1.00 0.00 ? 8   DVA A HG22 1 
HETATM 56  H HG23 . DVA A 1 4  ? 1.780  6.236   -0.122  1.00 0.00 ? 8   DVA A HG23 1 
ATOM   57  N N    . TRP A 1 5  ? -3.181 4.978   1.197   1.00 0.00 ? 9   TRP A N    1 
ATOM   58  C CA   . TRP A 1 5  ? -4.413 5.180   1.968   1.00 0.00 ? 9   TRP A CA   1 
ATOM   59  C C    . TRP A 1 5  ? -4.719 3.914   2.738   1.00 0.00 ? 9   TRP A C    1 
ATOM   60  O O    . TRP A 1 5  ? -4.430 2.853   2.213   1.00 0.00 ? 9   TRP A O    1 
ATOM   61  C CB   . TRP A 1 5  ? -5.627 5.552   1.078   1.00 0.00 ? 9   TRP A CB   1 
ATOM   62  C CG   . TRP A 1 5  ? -5.604 6.956   0.529   1.00 0.00 ? 9   TRP A CG   1 
ATOM   63  C CD1  . TRP A 1 5  ? -4.629 7.882   0.564   1.00 0.00 ? 9   TRP A CD1  1 
ATOM   64  C CD2  . TRP A 1 5  ? -6.771 7.589   -0.186  1.00 0.00 ? 9   TRP A CD2  1 
ATOM   65  N NE1  . TRP A 1 5  ? -5.041 8.977   -0.023  1.00 0.00 ? 9   TRP A NE1  1 
ATOM   66  C CE2  . TRP A 1 5  ? -6.303 8.854   -0.478  1.00 0.00 ? 9   TRP A CE2  1 
ATOM   67  C CE3  . TRP A 1 5  ? -8.052 7.169   -0.540  1.00 0.00 ? 9   TRP A CE3  1 
ATOM   68  C CZ2  . TRP A 1 5  ? -7.092 9.792   -1.144  1.00 0.00 ? 9   TRP A CZ2  1 
ATOM   69  C CZ3  . TRP A 1 5  ? -8.858 8.102   -1.205  1.00 0.00 ? 9   TRP A CZ3  1 
ATOM   70  C CH2  . TRP A 1 5  ? -8.387 9.391   -1.501  1.00 0.00 ? 9   TRP A CH2  1 
ATOM   71  H H    . TRP A 1 5  ? -3.205 4.297   0.455   1.00 0.00 ? 9   TRP A H    1 
ATOM   72  H HA   . TRP A 1 5  ? -4.305 5.984   2.707   1.00 0.00 ? 9   TRP A HA   1 
ATOM   73  H HB2  . TRP A 1 5  ? -5.710 4.839   0.245   1.00 0.00 ? 9   TRP A HB2  1 
ATOM   74  H HB3  . TRP A 1 5  ? -6.543 5.477   1.686   1.00 0.00 ? 9   TRP A HB3  1 
ATOM   75  H HD1  . TRP A 1 5  ? -3.643 7.769   1.012   1.00 0.00 ? 9   TRP A HD1  1 
ATOM   76  H HE1  . TRP A 1 5  ? -4.474 9.833   -0.121  1.00 0.00 ? 9   TRP A HE1  1 
ATOM   77  H HE3  . TRP A 1 5  ? -8.402 6.169   -0.308  1.00 0.00 ? 9   TRP A HE3  1 
ATOM   78  H HZ2  . TRP A 1 5  ? -6.719 10.783  -1.370  1.00 0.00 ? 9   TRP A HZ2  1 
ATOM   79  H HZ3  . TRP A 1 5  ? -9.866 7.821   -1.497  1.00 0.00 ? 9   TRP A HZ3  1 
ATOM   80  H HH2  . TRP A 1 5  ? -9.037 10.092  -2.017  1.00 0.00 ? 9   TRP A HH2  1 
HETATM 81  N N    . DLE A 1 6  ? -5.292 3.991   3.963   1.00 0.00 ? 10  DLE A N    1 
HETATM 82  C CA   . DLE A 1 6  ? -5.480 2.808   4.807   1.00 0.00 ? 10  DLE A CA   1 
HETATM 83  C CB   . DLE A 1 6  ? -6.974 2.707   5.229   1.00 0.00 ? 10  DLE A CB   1 
HETATM 84  C CG   . DLE A 1 6  ? -7.266 1.642   6.332   1.00 0.00 ? 10  DLE A CG   1 
HETATM 85  C CD1  . DLE A 1 6  ? -8.788 1.624   6.651   1.00 0.00 ? 10  DLE A CD1  1 
HETATM 86  C CD2  . DLE A 1 6  ? -6.796 0.218   5.926   1.00 0.00 ? 10  DLE A CD2  1 
HETATM 87  C C    . DLE A 1 6  ? -4.598 2.959   6.026   1.00 0.00 ? 10  DLE A C    1 
HETATM 88  O O    . DLE A 1 6  ? -4.931 3.784   6.861   1.00 0.00 ? 10  DLE A O    1 
HETATM 89  H H    . DLE A 1 6  ? -5.557 4.874   4.362   1.00 0.00 ? 10  DLE A H    1 
HETATM 90  H HA   . DLE A 1 6  ? -5.216 1.883   4.282   1.00 0.00 ? 10  DLE A HA   1 
HETATM 91  H HB2  . DLE A 1 6  ? -7.295 3.689   5.613   1.00 0.00 ? 10  DLE A HB2  1 
HETATM 92  H HB3  . DLE A 1 6  ? -7.570 2.489   4.329   1.00 0.00 ? 10  DLE A HB3  1 
HETATM 93  H HG   . DLE A 1 6  ? -6.740 1.920   7.263   1.00 0.00 ? 10  DLE A HG   1 
HETATM 94  H HD11 . DLE A 1 6  ? -9.363 1.320   5.763   1.00 0.00 ? 10  DLE A HD11 1 
HETATM 95  H HD12 . DLE A 1 6  ? -9.006 0.916   7.467   1.00 0.00 ? 10  DLE A HD12 1 
HETATM 96  H HD13 . DLE A 1 6  ? -9.129 2.622   6.966   1.00 0.00 ? 10  DLE A HD13 1 
HETATM 97  H HD21 . DLE A 1 6  ? -7.217 -0.063  4.948   1.00 0.00 ? 10  DLE A HD21 1 
HETATM 98  H HD22 . DLE A 1 6  ? -5.700 0.166   5.872   1.00 0.00 ? 10  DLE A HD22 1 
HETATM 99  H HD23 . DLE A 1 6  ? -7.121 -0.522  6.674   1.00 0.00 ? 10  DLE A HD23 1 
ATOM   100 N N    . TRP A 1 7  ? -3.483 2.202   6.184   1.00 0.00 ? 11  TRP A N    1 
ATOM   101 C CA   . TRP A 1 7  ? -2.703 2.319   7.418   1.00 0.00 ? 11  TRP A CA   1 
ATOM   102 C C    . TRP A 1 7  ? -1.203 2.261   7.209   1.00 0.00 ? 11  TRP A C    1 
ATOM   103 O O    . TRP A 1 7  ? -0.738 1.840   6.161   1.00 0.00 ? 11  TRP A O    1 
ATOM   104 C CB   . TRP A 1 7  ? -3.162 1.241   8.445   1.00 0.00 ? 11  TRP A CB   1 
ATOM   105 C CG   . TRP A 1 7  ? -3.997 1.739   9.601   1.00 0.00 ? 11  TRP A CG   1 
ATOM   106 C CD1  . TRP A 1 7  ? -3.913 2.903   10.272  1.00 0.00 ? 11  TRP A CD1  1 
ATOM   107 C CD2  . TRP A 1 7  ? -5.108 0.950   10.249  1.00 0.00 ? 11  TRP A CD2  1 
ATOM   108 N NE1  . TRP A 1 7  ? -4.809 2.927   11.225  1.00 0.00 ? 11  TRP A NE1  1 
ATOM   109 C CE2  . TRP A 1 7  ? -5.533 1.793   11.257  1.00 0.00 ? 11  TRP A CE2  1 
ATOM   110 C CE3  . TRP A 1 7  ? -5.689 -0.300  10.038  1.00 0.00 ? 11  TRP A CE3  1 
ATOM   111 C CZ2  . TRP A 1 7  ? -6.557 1.435   12.133  1.00 0.00 ? 11  TRP A CZ2  1 
ATOM   112 C CZ3  . TRP A 1 7  ? -6.719 -0.674  10.911  1.00 0.00 ? 11  TRP A CZ3  1 
ATOM   113 C CH2  . TRP A 1 7  ? -7.144 0.177   11.943  1.00 0.00 ? 11  TRP A CH2  1 
ATOM   114 H H    . TRP A 1 7  ? -3.197 1.513   5.510   1.00 0.00 ? 11  TRP A H    1 
ATOM   115 H HA   . TRP A 1 7  ? -2.836 3.333   7.821   1.00 0.00 ? 11  TRP A HA   1 
ATOM   116 H HB2  . TRP A 1 7  ? -3.743 0.483   7.897   1.00 0.00 ? 11  TRP A HB2  1 
ATOM   117 H HB3  . TRP A 1 7  ? -2.300 0.724   8.892   1.00 0.00 ? 11  TRP A HB3  1 
ATOM   118 H HD1  . TRP A 1 7  ? -3.215 3.719   10.085  1.00 0.00 ? 11  TRP A HD1  1 
ATOM   119 H HE1  . TRP A 1 7  ? -4.941 3.714   11.878  1.00 0.00 ? 11  TRP A HE1  1 
ATOM   120 H HE3  . TRP A 1 7  ? -5.357 -0.951  9.236   1.00 0.00 ? 11  TRP A HE3  1 
ATOM   121 H HZ2  . TRP A 1 7  ? -6.881 2.104   12.923  1.00 0.00 ? 11  TRP A HZ2  1 
ATOM   122 H HZ3  . TRP A 1 7  ? -7.196 -1.641  10.787  1.00 0.00 ? 11  TRP A HZ3  1 
ATOM   123 H HH2  . TRP A 1 7  ? -7.941 -0.143  12.608  1.00 0.00 ? 11  TRP A HH2  1 
HETATM 124 N N    . DLE A 1 8  ? -0.438 2.710   8.235   1.00 0.00 ? 12  DLE A N    1 
HETATM 125 C CA   . DLE A 1 8  ? 0.997  2.936   8.077   1.00 0.00 ? 12  DLE A CA   1 
HETATM 126 C CB   . DLE A 1 8  ? 1.756  2.389   9.322   1.00 0.00 ? 12  DLE A CB   1 
HETATM 127 C CG   . DLE A 1 8  ? 3.312  2.527   9.294   1.00 0.00 ? 12  DLE A CG   1 
HETATM 128 C CD1  . DLE A 1 8  ? 3.800  3.994   9.459   1.00 0.00 ? 12  DLE A CD1  1 
HETATM 129 C CD2  . DLE A 1 8  ? 3.933  1.643   10.413  1.00 0.00 ? 12  DLE A CD2  1 
HETATM 130 C C    . DLE A 1 8  ? 1.133  4.432   7.908   1.00 0.00 ? 12  DLE A C    1 
HETATM 131 O O    . DLE A 1 8  ? 0.800  5.128   8.853   1.00 0.00 ? 12  DLE A O    1 
HETATM 132 H H    . DLE A 1 8  ? -0.842 3.017   9.099   1.00 0.00 ? 12  DLE A H    1 
HETATM 133 H HA   . DLE A 1 8  ? 1.375  2.412   7.196   1.00 0.00 ? 12  DLE A HA   1 
HETATM 134 H HB2  . DLE A 1 8  ? 1.372  2.874   10.233  1.00 0.00 ? 12  DLE A HB2  1 
HETATM 135 H HB3  . DLE A 1 8  ? 1.495  1.319   9.381   1.00 0.00 ? 12  DLE A HB3  1 
HETATM 136 H HG   . DLE A 1 8  ? 3.707  2.159   8.335   1.00 0.00 ? 12  DLE A HG   1 
HETATM 137 H HD11 . DLE A 1 8  ? 3.330  4.463   10.336  1.00 0.00 ? 12  DLE A HD11 1 
HETATM 138 H HD12 . DLE A 1 8  ? 4.893  4.028   9.594   1.00 0.00 ? 12  DLE A HD12 1 
HETATM 139 H HD13 . DLE A 1 8  ? 3.572  4.587   8.565   1.00 0.00 ? 12  DLE A HD13 1 
HETATM 140 H HD21 . DLE A 1 8  ? 3.654  0.586   10.274  1.00 0.00 ? 12  DLE A HD21 1 
HETATM 141 H HD22 . DLE A 1 8  ? 5.032  1.704   10.396  1.00 0.00 ? 12  DLE A HD22 1 
HETATM 142 H HD23 . DLE A 1 8  ? 3.579  1.974   11.401  1.00 0.00 ? 12  DLE A HD23 1 
ATOM   143 N N    . TRP A 1 9  ? 1.590  4.955   6.745   1.00 0.00 ? 13  TRP A N    1 
ATOM   144 C CA   . TRP A 1 9  ? 1.685  6.408   6.557   1.00 0.00 ? 13  TRP A CA   1 
ATOM   145 C C    . TRP A 1 9  ? 0.900  6.880   5.346   1.00 0.00 ? 13  TRP A C    1 
ATOM   146 O O    . TRP A 1 9  ? 0.534  6.086   4.494   1.00 0.00 ? 13  TRP A O    1 
ATOM   147 C CB   . TRP A 1 9  ? 3.171  6.860   6.449   1.00 0.00 ? 13  TRP A CB   1 
ATOM   148 C CG   . TRP A 1 9  ? 3.816  7.386   7.709   1.00 0.00 ? 13  TRP A CG   1 
ATOM   149 C CD1  . TRP A 1 9  ? 3.406  7.336   8.989   1.00 0.00 ? 13  TRP A CD1  1 
ATOM   150 C CD2  . TRP A 1 9  ? 5.132  8.123   7.709   1.00 0.00 ? 13  TRP A CD2  1 
ATOM   151 N NE1  . TRP A 1 9  ? 4.279  7.941   9.755   1.00 0.00 ? 13  TRP A NE1  1 
ATOM   152 C CE2  . TRP A 1 9  ? 5.313  8.430   9.043   1.00 0.00 ? 13  TRP A CE2  1 
ATOM   153 C CE3  . TRP A 1 9  ? 6.053  8.492   6.731   1.00 0.00 ? 13  TRP A CE3  1 
ATOM   154 C CZ2  . TRP A 1 9  ? 6.425  9.145   9.488   1.00 0.00 ? 13  TRP A CZ2  1 
ATOM   155 C CZ3  . TRP A 1 9  ? 7.175  9.214   7.161   1.00 0.00 ? 13  TRP A CZ3  1 
ATOM   156 C CH2  . TRP A 1 9  ? 7.356  9.537   8.516   1.00 0.00 ? 13  TRP A CH2  1 
ATOM   157 H H    . TRP A 1 9  ? 1.865  4.359   5.985   1.00 0.00 ? 13  TRP A H    1 
ATOM   158 H HA   . TRP A 1 9  ? 1.199  6.949   7.382   1.00 0.00 ? 13  TRP A HA   1 
ATOM   159 H HB2  . TRP A 1 9  ? 3.785  6.034   6.059   1.00 0.00 ? 13  TRP A HB2  1 
ATOM   160 H HB3  . TRP A 1 9  ? 3.248  7.694   5.735   1.00 0.00 ? 13  TRP A HB3  1 
ATOM   161 H HD1  . TRP A 1 9  ? 2.495  6.875   9.369   1.00 0.00 ? 13  TRP A HD1  1 
ATOM   162 H HE1  . TRP A 1 9  ? 4.187  8.036   10.778  1.00 0.00 ? 13  TRP A HE1  1 
ATOM   163 H HE3  . TRP A 1 9  ? 5.904  8.232   5.688   1.00 0.00 ? 13  TRP A HE3  1 
ATOM   164 H HZ2  . TRP A 1 9  ? 6.557  9.384   10.536  1.00 0.00 ? 13  TRP A HZ2  1 
ATOM   165 H HZ3  . TRP A 1 9  ? 7.917  9.527   6.433   1.00 0.00 ? 13  TRP A HZ3  1 
ATOM   166 H HH2  . TRP A 1 9  ? 8.233  10.100  8.818   1.00 0.00 ? 13  TRP A HH2  1 
HETATM 167 N N    . DLE A 1 10 ? 0.627  8.205   5.259   1.00 0.00 ? 14  DLE A N    1 
HETATM 168 C CA   . DLE A 1 10 ? -0.258 8.728   4.219   1.00 0.00 ? 14  DLE A CA   1 
HETATM 169 C CB   . DLE A 1 10 ? 0.282  10.094  3.702   1.00 0.00 ? 14  DLE A CB   1 
HETATM 170 C CG   . DLE A 1 10 ? -0.600 10.765  2.601   1.00 0.00 ? 14  DLE A CG   1 
HETATM 171 C CD1  . DLE A 1 10 ? -1.762 11.611  3.201   1.00 0.00 ? 14  DLE A CD1  1 
HETATM 172 C CD2  . DLE A 1 10 ? 0.272  11.694  1.708   1.00 0.00 ? 14  DLE A CD2  1 
HETATM 173 C C    . DLE A 1 10 ? -1.618 8.861   4.865   1.00 0.00 ? 14  DLE A C    1 
HETATM 174 O O    . DLE A 1 10 ? -1.697 9.564   5.859   1.00 0.00 ? 14  DLE A O    1 
HETATM 175 H H    . DLE A 1 10 ? 0.928  8.850   5.965   1.00 0.00 ? 14  DLE A H    1 
HETATM 176 H HA   . DLE A 1 10 ? -0.297 8.054   3.351   1.00 0.00 ? 14  DLE A HA   1 
HETATM 177 H HB2  . DLE A 1 10 ? 0.414  10.797  4.539   1.00 0.00 ? 14  DLE A HB2  1 
HETATM 178 H HB3  . DLE A 1 10 ? 1.284  9.878   3.295   1.00 0.00 ? 14  DLE A HB3  1 
HETATM 179 H HG   . DLE A 1 10 ? -1.028 9.982   1.952   1.00 0.00 ? 14  DLE A HG   1 
HETATM 180 H HD11 . DLE A 1 10 ? -1.363 12.425  3.826   1.00 0.00 ? 14  DLE A HD11 1 
HETATM 181 H HD12 . DLE A 1 10 ? -2.366 12.059  2.397   1.00 0.00 ? 14  DLE A HD12 1 
HETATM 182 H HD13 . DLE A 1 10 ? -2.437 11.010  3.820   1.00 0.00 ? 14  DLE A HD13 1 
HETATM 183 H HD21 . DLE A 1 10 ? 1.059  11.117  1.198   1.00 0.00 ? 14  DLE A HD21 1 
HETATM 184 H HD22 . DLE A 1 10 ? -0.342 12.183  0.936   1.00 0.00 ? 14  DLE A HD22 1 
HETATM 185 H HD23 . DLE A 1 10 ? 0.749  12.474  2.321   1.00 0.00 ? 14  DLE A HD23 1 
ATOM   186 N N    . TRP A 1 11 ? -2.693 8.218   4.350   1.00 0.00 ? 15  TRP A N    1 
ATOM   187 C CA   . TRP A 1 11 ? -4.017 8.361   4.960   1.00 0.00 ? 15  TRP A CA   1 
ATOM   188 C C    . TRP A 1 11 ? -4.474 7.005   5.438   1.00 0.00 ? 15  TRP A C    1 
ATOM   189 O O    . TRP A 1 11 ? -5.463 6.467   4.960   1.00 0.00 ? 15  TRP A O    1 
ATOM   190 C CB   . TRP A 1 11 ? -5.002 8.972   3.928   1.00 0.00 ? 15  TRP A CB   1 
ATOM   191 C CG   . TRP A 1 11 ? -6.294 9.362   4.592   1.00 0.00 ? 15  TRP A CG   1 
ATOM   192 C CD1  . TRP A 1 11 ? -7.487 8.751   4.500   1.00 0.00 ? 15  TRP A CD1  1 
ATOM   193 C CD2  . TRP A 1 11 ? -6.472 10.548  5.505   1.00 0.00 ? 15  TRP A CD2  1 
ATOM   194 N NE1  . TRP A 1 11 ? -8.360 9.399   5.228   1.00 0.00 ? 15  TRP A NE1  1 
ATOM   195 C CE2  . TRP A 1 11 ? -7.809 10.465  5.841   1.00 0.00 ? 15  TRP A CE2  1 
ATOM   196 C CE3  . TRP A 1 11 ? -5.641 11.557  5.989   1.00 0.00 ? 15  TRP A CE3  1 
ATOM   197 C CZ2  . TRP A 1 11 ? -8.406 11.394  6.693   1.00 0.00 ? 15  TRP A CZ2  1 
ATOM   198 C CZ3  . TRP A 1 11 ? -6.228 12.497  6.847   1.00 0.00 ? 15  TRP A CZ3  1 
ATOM   199 C CH2  . TRP A 1 11 ? -7.587 12.417  7.193   1.00 0.00 ? 15  TRP A CH2  1 
ATOM   200 H H    . TRP A 1 11 ? -2.599 7.619   3.550   1.00 0.00 ? 15  TRP A H    1 
ATOM   201 H HA   . TRP A 1 11 ? -4.003 9.020   5.844   1.00 0.00 ? 15  TRP A HA   1 
ATOM   202 H HB2  . TRP A 1 11 ? -4.570 9.875   3.474   1.00 0.00 ? 15  TRP A HB2  1 
ATOM   203 H HB3  . TRP A 1 11 ? -5.203 8.253   3.125   1.00 0.00 ? 15  TRP A HB3  1 
ATOM   204 H HD1  . TRP A 1 11 ? -7.681 7.854   3.908   1.00 0.00 ? 15  TRP A HD1  1 
ATOM   205 H HE1  . TRP A 1 11 ? -9.350 9.126   5.324   1.00 0.00 ? 15  TRP A HE1  1 
ATOM   206 H HE3  . TRP A 1 11 ? -4.594 11.610  5.711   1.00 0.00 ? 15  TRP A HE3  1 
ATOM   207 H HZ2  . TRP A 1 11 ? -9.456 11.325  6.954   1.00 0.00 ? 15  TRP A HZ2  1 
ATOM   208 H HZ3  . TRP A 1 11 ? -5.620 13.300  7.251   1.00 0.00 ? 15  TRP A HZ3  1 
ATOM   209 H HH2  . TRP A 1 11 ? -8.013 13.160  7.860   1.00 0.00 ? 15  TRP A HH2  1 
ATOM   210 N N    . VAL B 2 1  ? -4.419 0.542   -0.517  1.00 0.00 ? 1   VAL B N    1 
ATOM   211 C CA   . VAL B 2 1  ? -4.046 1.184   -1.777  1.00 0.00 ? 1   VAL B CA   1 
ATOM   212 C C    . VAL B 2 1  ? -2.754 1.917   -1.476  1.00 0.00 ? 1   VAL B C    1 
ATOM   213 O O    . VAL B 2 1  ? -2.804 3.012   -0.933  1.00 0.00 ? 1   VAL B O    1 
ATOM   214 C CB   . VAL B 2 1  ? -5.152 2.137   -2.316  1.00 0.00 ? 1   VAL B CB   1 
ATOM   215 C CG1  . VAL B 2 1  ? -4.690 2.818   -3.636  1.00 0.00 ? 1   VAL B CG1  1 
ATOM   216 C CG2  . VAL B 2 1  ? -6.471 1.352   -2.559  1.00 0.00 ? 1   VAL B CG2  1 
ATOM   217 H H1   . VAL B 2 1  ? -4.997 1.055   0.118   1.00 0.00 ? 1   VAL B H1   1 
ATOM   218 H HA   . VAL B 2 1  ? -3.881 0.434   -2.561  1.00 0.00 ? 1   VAL B HA   1 
ATOM   219 H HB   . VAL B 2 1  ? -5.345 2.921   -1.563  1.00 0.00 ? 1   VAL B HB   1 
ATOM   220 H HG11 . VAL B 2 1  ? -4.481 2.065   -4.411  1.00 0.00 ? 1   VAL B HG11 1 
ATOM   221 H HG12 . VAL B 2 1  ? -5.473 3.494   -4.010  1.00 0.00 ? 1   VAL B HG12 1 
ATOM   222 H HG13 . VAL B 2 1  ? -3.777 3.412   -3.472  1.00 0.00 ? 1   VAL B HG13 1 
ATOM   223 H HG21 . VAL B 2 1  ? -6.826 0.883   -1.629  1.00 0.00 ? 1   VAL B HG21 1 
ATOM   224 H HG22 . VAL B 2 1  ? -7.258 2.031   -2.921  1.00 0.00 ? 1   VAL B HG22 1 
ATOM   225 H HG23 . VAL B 2 1  ? -6.320 0.562   -3.311  1.00 0.00 ? 1   VAL B HG23 1 
ATOM   226 N N    . GLY B 2 2  ? -1.571 1.337   -1.785  1.00 0.00 ? 2   GLY B N    1 
ATOM   227 C CA   . GLY B 2 2  ? -0.340 2.000   -1.369  1.00 0.00 ? 2   GLY B CA   1 
ATOM   228 C C    . GLY B 2 2  ? 0.935  1.250   -1.674  1.00 0.00 ? 2   GLY B C    1 
ATOM   229 O O    . GLY B 2 2  ? 0.933  0.347   -2.495  1.00 0.00 ? 2   GLY B O    1 
ATOM   230 H H    . GLY B 2 2  ? -1.506 0.446   -2.252  1.00 0.00 ? 2   GLY B H    1 
ATOM   231 H HA2  . GLY B 2 2  ? -0.270 2.996   -1.830  1.00 0.00 ? 2   GLY B HA2  1 
ATOM   232 H HA3  . GLY B 2 2  ? -0.389 2.102   -0.275  1.00 0.00 ? 2   GLY B HA3  1 
ATOM   233 N N    . ALA B 2 3  ? 2.047  1.629   -1.003  1.00 0.00 ? 3   ALA B N    1 
ATOM   234 C CA   . ALA B 2 3  ? 3.281  0.856   -1.098  1.00 0.00 ? 3   ALA B CA   1 
ATOM   235 C C    . ALA B 2 3  ? 3.369  -0.047  0.115   1.00 0.00 ? 3   ALA B C    1 
ATOM   236 O O    . ALA B 2 3  ? 3.365  0.475   1.219   1.00 0.00 ? 3   ALA B O    1 
ATOM   237 C CB   . ALA B 2 3  ? 4.523  1.781   -1.153  1.00 0.00 ? 3   ALA B CB   1 
ATOM   238 H H    . ALA B 2 3  ? 2.028  2.397   -0.356  1.00 0.00 ? 3   ALA B H    1 
ATOM   239 H HA   . ALA B 2 3  ? 3.288  0.262   -2.020  1.00 0.00 ? 3   ALA B HA   1 
ATOM   240 H HB1  . ALA B 2 3  ? 4.602  2.373   -0.231  1.00 0.00 ? 3   ALA B HB1  1 
ATOM   241 H HB2  . ALA B 2 3  ? 5.441  1.183   -1.262  1.00 0.00 ? 3   ALA B HB2  1 
ATOM   242 H HB3  . ALA B 2 3  ? 4.440  2.467   -2.009  1.00 0.00 ? 3   ALA B HB3  1 
HETATM 243 N N    . DLE B 2 4  ? 3.445  -1.387  -0.058  1.00 0.00 ? 4   DLE B N    1 
HETATM 244 C CA   . DLE B 2 4  ? 3.552  -2.292  1.087   1.00 0.00 ? 4   DLE B CA   1 
HETATM 245 C CB   . DLE B 2 4  ? 5.054  -2.575  1.377   1.00 0.00 ? 4   DLE B CB   1 
HETATM 246 C CG   . DLE B 2 4  ? 5.323  -3.770  2.346   1.00 0.00 ? 4   DLE B CG   1 
HETATM 247 C CD1  . DLE B 2 4  ? 6.835  -3.837  2.707   1.00 0.00 ? 4   DLE B CD1  1 
HETATM 248 C CD2  . DLE B 2 4  ? 4.502  -3.676  3.658   1.00 0.00 ? 4   DLE B CD2  1 
HETATM 249 C C    . DLE B 2 4  ? 2.778  -3.548  0.752   1.00 0.00 ? 4   DLE B C    1 
HETATM 250 O O    . DLE B 2 4  ? 3.310  -4.389  0.043   1.00 0.00 ? 4   DLE B O    1 
HETATM 251 H H    . DLE B 2 4  ? 3.439  -1.802  -0.977  1.00 0.00 ? 4   DLE B H    1 
HETATM 252 H HA   . DLE B 2 4  ? 3.111  -1.835  1.986   1.00 0.00 ? 4   DLE B HA   1 
HETATM 253 H HB2  . DLE B 2 4  ? 5.555  -2.790  0.422   1.00 0.00 ? 4   DLE B HB2  1 
HETATM 254 H HB3  . DLE B 2 4  ? 5.497  -1.653  1.787   1.00 0.00 ? 4   DLE B HB3  1 
HETATM 255 H HG   . DLE B 2 4  ? 5.052  -4.715  1.846   1.00 0.00 ? 4   DLE B HG   1 
HETATM 256 H HD11 . DLE B 2 4  ? 7.457  -3.887  1.805   1.00 0.00 ? 4   DLE B HD11 1 
HETATM 257 H HD12 . DLE B 2 4  ? 7.134  -2.945  3.279   1.00 0.00 ? 4   DLE B HD12 1 
HETATM 258 H HD13 . DLE B 2 4  ? 7.047  -4.729  3.319   1.00 0.00 ? 4   DLE B HD13 1 
HETATM 259 H HD21 . DLE B 2 4  ? 3.419  -3.709  3.471   1.00 0.00 ? 4   DLE B HD21 1 
HETATM 260 H HD22 . DLE B 2 4  ? 4.749  -4.513  4.331   1.00 0.00 ? 4   DLE B HD22 1 
HETATM 261 H HD23 . DLE B 2 4  ? 4.758  -2.736  4.164   1.00 0.00 ? 4   DLE B HD23 1 
ATOM   262 N N    . ALA B 2 5  ? 1.519  -3.695  1.231   1.00 0.00 ? 5   ALA B N    1 
ATOM   263 C CA   . ALA B 2 5  ? 0.748  -4.896  0.919   1.00 0.00 ? 5   ALA B CA   1 
ATOM   264 C C    . ALA B 2 5  ? -0.677 -4.543  0.541   1.00 0.00 ? 5   ALA B C    1 
ATOM   265 O O    . ALA B 2 5  ? -1.351 -3.927  1.352   1.00 0.00 ? 5   ALA B O    1 
ATOM   266 C CB   . ALA B 2 5  ? 0.779  -5.837  2.149   1.00 0.00 ? 5   ALA B CB   1 
ATOM   267 H H    . ALA B 2 5  ? 1.086  -3.009  1.824   1.00 0.00 ? 5   ALA B H    1 
ATOM   268 H HA   . ALA B 2 5  ? 1.203  -5.458  0.092   1.00 0.00 ? 5   ALA B HA   1 
ATOM   269 H HB1  . ALA B 2 5  ? 0.319  -5.346  3.018   1.00 0.00 ? 5   ALA B HB1  1 
ATOM   270 H HB2  . ALA B 2 5  ? 0.231  -6.769  1.936   1.00 0.00 ? 5   ALA B HB2  1 
ATOM   271 H HB3  . ALA B 2 5  ? 1.821  -6.089  2.400   1.00 0.00 ? 5   ALA B HB3  1 
HETATM 272 N N    . DVA B 2 6  ? -1.170 -4.921  -0.663  1.00 0.00 ? 6   DVA B N    1 
HETATM 273 C CA   . DVA B 2 6  ? -2.576 -4.695  -1.007  1.00 0.00 ? 6   DVA B CA   1 
HETATM 274 C CB   . DVA B 2 6  ? -3.389 -5.984  -0.675  1.00 0.00 ? 6   DVA B CB   1 
HETATM 275 C CG1  . DVA B 2 6  ? -4.875 -5.853  -1.118  1.00 0.00 ? 6   DVA B CG1  1 
HETATM 276 C CG2  . DVA B 2 6  ? -3.326 -6.325  0.840   1.00 0.00 ? 6   DVA B CG2  1 
HETATM 277 C C    . DVA B 2 6  ? -2.662 -4.337  -2.481  1.00 0.00 ? 6   DVA B C    1 
HETATM 278 O O    . DVA B 2 6  ? -2.699 -5.236  -3.308  1.00 0.00 ? 6   DVA B O    1 
HETATM 279 H HA   . DVA B 2 6  ? -3.013 -3.868  -0.428  1.00 0.00 ? 6   DVA B HA   1 
HETATM 280 H HB   . DVA B 2 6  ? -2.933 -6.825  -1.217  1.00 0.00 ? 6   DVA B HB   1 
HETATM 281 H HG11 . DVA B 2 6  ? -4.959 -5.723  -2.206  1.00 0.00 ? 6   DVA B HG11 1 
HETATM 282 H HG12 . DVA B 2 6  ? -5.436 -6.762  -0.852  1.00 0.00 ? 6   DVA B HG12 1 
HETATM 283 H HG13 . DVA B 2 6  ? -5.349 -4.992  -0.623  1.00 0.00 ? 6   DVA B HG13 1 
HETATM 284 H HG21 . DVA B 2 6  ? -3.708 -5.486  1.440   1.00 0.00 ? 6   DVA B HG21 1 
HETATM 285 H HG22 . DVA B 2 6  ? -3.932 -7.217  1.059   1.00 0.00 ? 6   DVA B HG22 1 
HETATM 286 H HG23 . DVA B 2 6  ? -2.294 -6.543  1.152   1.00 0.00 ? 6   DVA B HG23 1 
ATOM   287 N N    . VAL B 2 7  ? -2.688 -3.034  -2.844  1.00 0.00 ? 7   VAL B N    1 
ATOM   288 C CA   . VAL B 2 7  ? -2.784 -2.638  -4.249  1.00 0.00 ? 7   VAL B CA   1 
ATOM   289 C C    . VAL B 2 7  ? -1.863 -1.451  -4.449  1.00 0.00 ? 7   VAL B C    1 
ATOM   290 O O    . VAL B 2 7  ? -1.865 -0.585  -3.589  1.00 0.00 ? 7   VAL B O    1 
ATOM   291 C CB   . VAL B 2 7  ? -4.245 -2.242  -4.620  1.00 0.00 ? 7   VAL B CB   1 
ATOM   292 C CG1  . VAL B 2 7  ? -4.437 -2.126  -6.158  1.00 0.00 ? 7   VAL B CG1  1 
ATOM   293 C CG2  . VAL B 2 7  ? -5.274 -3.247  -4.035  1.00 0.00 ? 7   VAL B CG2  1 
ATOM   294 H H    . VAL B 2 7  ? -2.658 -2.292  -2.165  1.00 0.00 ? 7   VAL B H    1 
ATOM   295 H HA   . VAL B 2 7  ? -2.459 -3.461  -4.903  1.00 0.00 ? 7   VAL B HA   1 
ATOM   296 H HB   . VAL B 2 7  ? -4.462 -1.259  -4.173  1.00 0.00 ? 7   VAL B HB   1 
ATOM   297 H HG11 . VAL B 2 7  ? -3.676 -1.474  -6.608  1.00 0.00 ? 7   VAL B HG11 1 
ATOM   298 H HG12 . VAL B 2 7  ? -4.360 -3.114  -6.628  1.00 0.00 ? 7   VAL B HG12 1 
ATOM   299 H HG13 . VAL B 2 7  ? -5.430 -1.711  -6.391  1.00 0.00 ? 7   VAL B HG13 1 
ATOM   300 H HG21 . VAL B 2 7  ? -5.241 -3.239  -2.935  1.00 0.00 ? 7   VAL B HG21 1 
ATOM   301 H HG22 . VAL B 2 7  ? -6.296 -2.976  -4.344  1.00 0.00 ? 7   VAL B HG22 1 
ATOM   302 H HG23 . VAL B 2 7  ? -5.060 -4.265  -4.391  1.00 0.00 ? 7   VAL B HG23 1 
HETATM 303 N N    . DVA B 2 8  ? -1.068 -1.364  -5.538  1.00 0.00 ? 8   DVA B N    1 
HETATM 304 C CA   . DVA B 2 8  ? -0.129 -0.250  -5.696  1.00 0.00 ? 8   DVA B CA   1 
HETATM 305 C CB   . DVA B 2 8  ? -0.563 0.627   -6.908  1.00 0.00 ? 8   DVA B CB   1 
HETATM 306 C CG1  . DVA B 2 8  ? 0.524  1.671   -7.292  1.00 0.00 ? 8   DVA B CG1  1 
HETATM 307 C CG2  . DVA B 2 8  ? -1.890 1.370   -6.583  1.00 0.00 ? 8   DVA B CG2  1 
HETATM 308 C C    . DVA B 2 8  ? 1.277  -0.808  -5.815  1.00 0.00 ? 8   DVA B C    1 
HETATM 309 O O    . DVA B 2 8  ? 1.685  -1.168  -6.909  1.00 0.00 ? 8   DVA B O    1 
HETATM 310 H HA   . DVA B 2 8  ? -0.124 0.431   -4.830  1.00 0.00 ? 8   DVA B HA   1 
HETATM 311 H HB   . DVA B 2 8  ? -0.734 -0.034  -7.774  1.00 0.00 ? 8   DVA B HB   1 
HETATM 312 H HG11 . DVA B 2 8  ? 0.781  2.296   -6.424  1.00 0.00 ? 8   DVA B HG11 1 
HETATM 313 H HG12 . DVA B 2 8  ? 1.440  1.185   -7.657  1.00 0.00 ? 8   DVA B HG12 1 
HETATM 314 H HG13 . DVA B 2 8  ? 0.156  2.326   -8.097  1.00 0.00 ? 8   DVA B HG13 1 
HETATM 315 H HG21 . DVA B 2 8  ? -2.671 0.665   -6.267  1.00 0.00 ? 8   DVA B HG21 1 
HETATM 316 H HG22 . DVA B 2 8  ? -1.739 2.097   -5.769  1.00 0.00 ? 8   DVA B HG22 1 
HETATM 317 H HG23 . DVA B 2 8  ? -2.256 1.912   -7.469  1.00 0.00 ? 8   DVA B HG23 1 
ATOM   318 N N    . TRP B 2 9  ? 2.046  -0.883  -4.699  1.00 0.00 ? 9   TRP B N    1 
ATOM   319 C CA   . TRP B 2 9  ? 3.473  -1.210  -4.793  1.00 0.00 ? 9   TRP B CA   1 
ATOM   320 C C    . TRP B 2 9  ? 3.878  -2.196  -3.717  1.00 0.00 ? 9   TRP B C    1 
ATOM   321 O O    . TRP B 2 9  ? 3.279  -2.197  -2.654  1.00 0.00 ? 9   TRP B O    1 
ATOM   322 C CB   . TRP B 2 9  ? 4.300  0.104   -4.668  1.00 0.00 ? 9   TRP B CB   1 
ATOM   323 C CG   . TRP B 2 9  ? 5.211  0.371   -5.835  1.00 0.00 ? 9   TRP B CG   1 
ATOM   324 C CD1  . TRP B 2 9  ? 4.916  1.044   -6.960  1.00 0.00 ? 9   TRP B CD1  1 
ATOM   325 C CD2  . TRP B 2 9  ? 6.652  -0.059  -5.942  1.00 0.00 ? 9   TRP B CD2  1 
ATOM   326 N NE1  . TRP B 2 9  ? 5.976  1.091   -7.727  1.00 0.00 ? 9   TRP B NE1  1 
ATOM   327 C CE2  . TRP B 2 9  ? 7.029  0.470   -7.161  1.00 0.00 ? 9   TRP B CE2  1 
ATOM   328 C CE3  . TRP B 2 9  ? 7.533  -0.780  -5.139  1.00 0.00 ? 9   TRP B CE3  1 
ATOM   329 C CZ2  . TRP B 2 9  ? 8.331  0.338   -7.644  1.00 0.00 ? 9   TRP B CZ2  1 
ATOM   330 C CZ3  . TRP B 2 9  ? 8.844  -0.922  -5.613  1.00 0.00 ? 9   TRP B CZ3  1 
ATOM   331 C CH2  . TRP B 2 9  ? 9.239  -0.363  -6.840  1.00 0.00 ? 9   TRP B CH2  1 
ATOM   332 H H    . TRP B 2 9  ? 1.680  -0.655  -3.787  1.00 0.00 ? 9   TRP B H    1 
ATOM   333 H HA   . TRP B 2 9  ? 3.695  -1.688  -5.758  1.00 0.00 ? 9   TRP B HA   1 
ATOM   334 H HB2  . TRP B 2 9  ? 3.614  0.962   -4.582  1.00 0.00 ? 9   TRP B HB2  1 
ATOM   335 H HB3  . TRP B 2 9  ? 4.934  0.099   -3.769  1.00 0.00 ? 9   TRP B HB3  1 
ATOM   336 H HD1  . TRP B 2 9  ? 3.943  1.481   -7.186  1.00 0.00 ? 9   TRP B HD1  1 
ATOM   337 H HE1  . TRP B 2 9  ? 6.005  1.554   -8.648  1.00 0.00 ? 9   TRP B HE1  1 
ATOM   338 H HE3  . TRP B 2 9  ? 7.216  -1.207  -4.193  1.00 0.00 ? 9   TRP B HE3  1 
ATOM   339 H HZ2  . TRP B 2 9  ? 8.622  0.759   -8.600  1.00 0.00 ? 9   TRP B HZ2  1 
ATOM   340 H HZ3  . TRP B 2 9  ? 9.566  -1.475  -5.019  1.00 0.00 ? 9   TRP B HZ3  1 
ATOM   341 H HH2  . TRP B 2 9  ? 10.266 -0.479  -7.173  1.00 0.00 ? 9   TRP B HH2  1 
HETATM 342 N N    . DLE B 2 10 ? 4.900  -3.047  -3.959  1.00 0.00 ? 10  DLE B N    1 
HETATM 343 C CA   . DLE B 2 10 ? 5.242  -4.086  -2.990  1.00 0.00 ? 10  DLE B CA   1 
HETATM 344 C CB   . DLE B 2 10 ? 6.739  -4.491  -3.138  1.00 0.00 ? 10  DLE B CB   1 
HETATM 345 C CG   . DLE B 2 10 ? 7.159  -5.739  -2.299  1.00 0.00 ? 10  DLE B CG   1 
HETATM 346 C CD1  . DLE B 2 10 ? 8.663  -6.052  -2.541  1.00 0.00 ? 10  DLE B CD1  1 
HETATM 347 C CD2  . DLE B 2 10 ? 6.902  -5.532  -0.783  1.00 0.00 ? 10  DLE B CD2  1 
HETATM 348 C C    . DLE B 2 10 ? 4.390  -5.310  -3.245  1.00 0.00 ? 10  DLE B C    1 
HETATM 349 O O    . DLE B 2 10 ? 4.575  -5.909  -4.292  1.00 0.00 ? 10  DLE B O    1 
HETATM 350 H H    . DLE B 2 10 ? 5.388  -3.034  -4.836  1.00 0.00 ? 10  DLE B H    1 
HETATM 351 H HA   . DLE B 2 10 ? 5.089  -3.712  -1.966  1.00 0.00 ? 10  DLE B HA   1 
HETATM 352 H HB2  . DLE B 2 10 ? 6.939  -4.724  -4.197  1.00 0.00 ? 10  DLE B HB2  1 
HETATM 353 H HB3  . DLE B 2 10 ? 7.363  -3.626  -2.863  1.00 0.00 ? 10  DLE B HB3  1 
HETATM 354 H HG   . DLE B 2 10 ? 6.585  -6.622  -2.628  1.00 0.00 ? 10  DLE B HG   1 
HETATM 355 H HD11 . DLE B 2 10 ? 9.291  -5.212  -2.207  1.00 0.00 ? 10  DLE B HD11 1 
HETATM 356 H HD12 . DLE B 2 10 ? 8.966  -6.955  -1.987  1.00 0.00 ? 10  DLE B HD12 1 
HETATM 357 H HD13 . DLE B 2 10 ? 8.855  -6.229  -3.611  1.00 0.00 ? 10  DLE B HD13 1 
HETATM 358 H HD21 . DLE B 2 10 ? 7.389  -4.602  -0.462  1.00 0.00 ? 10  DLE B HD21 1 
HETATM 359 H HD22 . DLE B 2 10 ? 5.827  -5.473  -0.560  1.00 0.00 ? 10  DLE B HD22 1 
HETATM 360 H HD23 . DLE B 2 10 ? 7.315  -6.368  -0.198  1.00 0.00 ? 10  DLE B HD23 1 
ATOM   361 N N    . TRP B 2 11 ? 3.489  -5.733  -2.326  1.00 0.00 ? 11  TRP B N    1 
ATOM   362 C CA   . TRP B 2 11 ? 2.852  -7.047  -2.474  1.00 0.00 ? 11  TRP B CA   1 
ATOM   363 C C    . TRP B 2 11 ? 1.350  -7.005  -2.687  1.00 0.00 ? 11  TRP B C    1 
ATOM   364 O O    . TRP B 2 11 ? 0.693  -6.101  -2.199  1.00 0.00 ? 11  TRP B O    1 
ATOM   365 C CB   . TRP B 2 11 ? 3.148  -7.895  -1.210  1.00 0.00 ? 11  TRP B CB   1 
ATOM   366 C CG   . TRP B 2 11 ? 2.485  -9.242  -1.338  1.00 0.00 ? 11  TRP B CG   1 
ATOM   367 C CD1  . TRP B 2 11 ? 1.404  -9.692  -0.678  1.00 0.00 ? 11  TRP B CD1  1 
ATOM   368 C CD2  . TRP B 2 11 ? 2.921  -10.341 -2.273  1.00 0.00 ? 11  TRP B CD2  1 
ATOM   369 N NE1  . TRP B 2 11 ? 1.119  -10.902 -1.090  1.00 0.00 ? 11  TRP B NE1  1 
ATOM   370 C CE2  . TRP B 2 11 ? 1.978  -11.324 -2.038  1.00 0.00 ? 11  TRP B CE2  1 
ATOM   371 C CE3  . TRP B 2 11 ? 3.952  -10.504 -3.197  1.00 0.00 ? 11  TRP B CE3  1 
ATOM   372 C CZ2  . TRP B 2 11 ? 1.994  -12.533 -2.733  1.00 0.00 ? 11  TRP B CZ2  1 
ATOM   373 C CZ3  . TRP B 2 11 ? 3.979  -11.713 -3.904  1.00 0.00 ? 11  TRP B CZ3  1 
ATOM   374 C CH2  . TRP B 2 11 ? 3.015  -12.711 -3.676  1.00 0.00 ? 11  TRP B CH2  1 
ATOM   375 H H    . TRP B 2 11 ? 3.278  -5.191  -1.506  1.00 0.00 ? 11  TRP B H    1 
ATOM   376 H HA   . TRP B 2 11 ? 3.291  -7.594  -3.322  1.00 0.00 ? 11  TRP B HA   1 
ATOM   377 H HB2  . TRP B 2 11 ? 4.234  -8.031  -1.086  1.00 0.00 ? 11  TRP B HB2  1 
ATOM   378 H HB3  . TRP B 2 11 ? 2.760  -7.379  -0.319  1.00 0.00 ? 11  TRP B HB3  1 
ATOM   379 H HD1  . TRP B 2 11 ? 0.854  -9.128  0.076   1.00 0.00 ? 11  TRP B HD1  1 
ATOM   380 H HE1  . TRP B 2 11 ? 0.330  -11.467 -0.736  1.00 0.00 ? 11  TRP B HE1  1 
ATOM   381 H HE3  . TRP B 2 11 ? 4.697  -9.731  -3.359  1.00 0.00 ? 11  TRP B HE3  1 
ATOM   382 H HZ2  . TRP B 2 11 ? 1.247  -13.298 -2.547  1.00 0.00 ? 11  TRP B HZ2  1 
ATOM   383 H HZ3  . TRP B 2 11 ? 4.759  -11.883 -4.639  1.00 0.00 ? 11  TRP B HZ3  1 
ATOM   384 H HH2  . TRP B 2 11 ? 3.061  -13.637 -4.242  1.00 0.00 ? 11  TRP B HH2  1 
HETATM 385 N N    . DLE B 2 12 ? 0.779  -8.004  -3.402  1.00 0.00 ? 12  DLE B N    1 
HETATM 386 C CA   . DLE B 2 12 ? -0.669 -8.064  -3.611  1.00 0.00 ? 12  DLE B CA   1 
HETATM 387 C CB   . DLE B 2 12 ? -1.175 -9.507  -3.313  1.00 0.00 ? 12  DLE B CB   1 
HETATM 388 C CG   . DLE B 2 12 ? -2.609 -9.836  -3.835  1.00 0.00 ? 12  DLE B CG   1 
HETATM 389 C CD1  . DLE B 2 12 ? -2.946 -11.327 -3.549  1.00 0.00 ? 12  DLE B CD1  1 
HETATM 390 C CD2  . DLE B 2 12 ? -3.697 -8.926  -3.204  1.00 0.00 ? 12  DLE B CD2  1 
HETATM 391 C C    . DLE B 2 12 ? -0.939 -7.724  -5.057  1.00 0.00 ? 12  DLE B C    1 
HETATM 392 O O    . DLE B 2 12 ? -0.391 -8.411  -5.903  1.00 0.00 ? 12  DLE B O    1 
HETATM 393 H H    . DLE B 2 12 ? 1.329  -8.709  -3.854  1.00 0.00 ? 12  DLE B H    1 
HETATM 394 H HA   . DLE B 2 12 ? -1.208 -7.374  -2.945  1.00 0.00 ? 12  DLE B HA   1 
HETATM 395 H HB2  . DLE B 2 12 ? -0.486 -10.219 -3.796  1.00 0.00 ? 12  DLE B HB2  1 
HETATM 396 H HB3  . DLE B 2 12 ? -1.127 -9.679  -2.226  1.00 0.00 ? 12  DLE B HB3  1 
HETATM 397 H HG   . DLE B 2 12 ? -2.641 -9.701  -4.931  1.00 0.00 ? 12  DLE B HG   1 
HETATM 398 H HD11 . DLE B 2 12 ? -2.938 -11.521 -2.465  1.00 0.00 ? 12  DLE B HD11 1 
HETATM 399 H HD12 . DLE B 2 12 ? -3.942 -11.584 -3.942  1.00 0.00 ? 12  DLE B HD12 1 
HETATM 400 H HD13 . DLE B 2 12 ? -2.210 -11.993 -4.027  1.00 0.00 ? 12  DLE B HD13 1 
HETATM 401 H HD21 . DLE B 2 12 ? -3.541 -7.871  -3.472  1.00 0.00 ? 12  DLE B HD21 1 
HETATM 402 H HD22 . DLE B 2 12 ? -4.694 -9.214  -3.569  1.00 0.00 ? 12  DLE B HD22 1 
HETATM 403 H HD23 . DLE B 2 12 ? -3.687 -9.024  -2.108  1.00 0.00 ? 12  DLE B HD23 1 
ATOM   404 N N    . TRP B 2 13 ? -1.770 -6.708  -5.382  1.00 0.00 ? 13  TRP B N    1 
ATOM   405 C CA   . TRP B 2 13 ? -2.138 -6.478  -6.778  1.00 0.00 ? 13  TRP B CA   1 
ATOM   406 C C    . TRP B 2 13 ? -1.486 -5.220  -7.306  1.00 0.00 ? 13  TRP B C    1 
ATOM   407 O O    . TRP B 2 13 ? -2.114 -4.175  -7.362  1.00 0.00 ? 13  TRP B O    1 
ATOM   408 C CB   . TRP B 2 13 ? -3.683 -6.437  -6.897  1.00 0.00 ? 13  TRP B CB   1 
ATOM   409 C CG   . TRP B 2 13 ? -4.050 -6.482  -8.355  1.00 0.00 ? 13  TRP B CG   1 
ATOM   410 C CD1  . TRP B 2 13 ? -4.483 -5.481  -9.138  1.00 0.00 ? 13  TRP B CD1  1 
ATOM   411 C CD2  . TRP B 2 13 ? -3.972 -7.718  -9.217  1.00 0.00 ? 13  TRP B CD2  1 
ATOM   412 N NE1  . TRP B 2 13 ? -4.675 -5.935  -10.352 1.00 0.00 ? 13  TRP B NE1  1 
ATOM   413 C CE2  . TRP B 2 13 ? -4.384 -7.247  -10.448 1.00 0.00 ? 13  TRP B CE2  1 
ATOM   414 C CE3  . TRP B 2 13 ? -3.607 -9.046  -9.007  1.00 0.00 ? 13  TRP B CE3  1 
ATOM   415 C CZ2  . TRP B 2 13 ? -4.451 -8.085  -11.560 1.00 0.00 ? 13  TRP B CZ2  1 
ATOM   416 C CZ3  . TRP B 2 13 ? -3.669 -9.898  -10.118 1.00 0.00 ? 13  TRP B CZ3  1 
ATOM   417 C CH2  . TRP B 2 13 ? -4.083 -9.424  -11.374 1.00 0.00 ? 13  TRP B CH2  1 
ATOM   418 H H    . TRP B 2 13 ? -2.165 -6.100  -4.685  1.00 0.00 ? 13  TRP B H    1 
ATOM   419 H HA   . TRP B 2 13 ? -1.809 -7.307  -7.427  1.00 0.00 ? 13  TRP B HA   1 
ATOM   420 H HB2  . TRP B 2 13 ? -4.115 -7.321  -6.401  1.00 0.00 ? 13  TRP B HB2  1 
ATOM   421 H HB3  . TRP B 2 13 ? -4.085 -5.542  -6.405  1.00 0.00 ? 13  TRP B HB3  1 
ATOM   422 H HD1  . TRP B 2 13 ? -4.640 -4.453  -8.807  1.00 0.00 ? 13  TRP B HD1  1 
ATOM   423 H HE1  . TRP B 2 13 ? -5.003 -5.359  -11.142 1.00 0.00 ? 13  TRP B HE1  1 
ATOM   424 H HE3  . TRP B 2 13 ? -3.292 -9.401  -8.032  1.00 0.00 ? 13  TRP B HE3  1 
ATOM   425 H HZ2  . TRP B 2 13 ? -4.774 -7.713  -12.527 1.00 0.00 ? 13  TRP B HZ2  1 
ATOM   426 H HZ3  . TRP B 2 13 ? -3.389 -10.940 -10.005 1.00 0.00 ? 13  TRP B HZ3  1 
ATOM   427 H HH2  . TRP B 2 13 ? -4.119 -10.108 -12.215 1.00 0.00 ? 13  TRP B HH2  1 
HETATM 428 N N    . DLE B 2 14 ? -0.206 -5.296  -7.725  1.00 0.00 ? 14  DLE B N    1 
HETATM 429 C CA   . DLE B 2 14 ? 0.410  -4.156  -8.404  1.00 0.00 ? 14  DLE B CA   1 
HETATM 430 C CB   . DLE B 2 14 ? -0.155 -4.108  -9.851  1.00 0.00 ? 14  DLE B CB   1 
HETATM 431 C CG   . DLE B 2 14 ? 0.501  -3.049  -10.790 1.00 0.00 ? 14  DLE B CG   1 
HETATM 432 C CD1  . DLE B 2 14 ? -0.048 -3.222  -12.235 1.00 0.00 ? 14  DLE B CD1  1 
HETATM 433 C CD2  . DLE B 2 14 ? 0.239  -1.595  -10.310 1.00 0.00 ? 14  DLE B CD2  1 
HETATM 434 C C    . DLE B 2 14 ? 1.906  -4.354  -8.453  1.00 0.00 ? 14  DLE B C    1 
HETATM 435 O O    . DLE B 2 14 ? 2.312  -5.476  -8.705  1.00 0.00 ? 14  DLE B O    1 
HETATM 436 H H    . DLE B 2 14 ? 0.323  -6.147  -7.652  1.00 0.00 ? 14  DLE B H    1 
HETATM 437 H HA   . DLE B 2 14 ? 0.184  -3.227  -7.867  1.00 0.00 ? 14  DLE B HA   1 
HETATM 438 H HB2  . DLE B 2 14 ? 0.003  -5.108  -10.287 1.00 0.00 ? 14  DLE B HB2  1 
HETATM 439 H HB3  . DLE B 2 14 ? -1.241 -3.931  -9.812  1.00 0.00 ? 14  DLE B HB3  1 
HETATM 440 H HG   . DLE B 2 14 ? 1.593  -3.216  -10.828 1.00 0.00 ? 14  DLE B HG   1 
HETATM 441 H HD11 . DLE B 2 14 ? -1.137 -3.054  -12.256 1.00 0.00 ? 14  DLE B HD11 1 
HETATM 442 H HD12 . DLE B 2 14 ? 0.429  -2.504  -12.920 1.00 0.00 ? 14  DLE B HD12 1 
HETATM 443 H HD13 . DLE B 2 14 ? 0.156  -4.237  -12.610 1.00 0.00 ? 14  DLE B HD13 1 
HETATM 444 H HD21 . DLE B 2 14 ? -0.842 -1.412  -10.208 1.00 0.00 ? 14  DLE B HD21 1 
HETATM 445 H HD22 . DLE B 2 14 ? 0.721  -1.401  -9.345  1.00 0.00 ? 14  DLE B HD22 1 
HETATM 446 H HD23 . DLE B 2 14 ? 0.649  -0.873  -11.033 1.00 0.00 ? 14  DLE B HD23 1 
ATOM   447 N N    . TRP B 2 15 ? 2.756  -3.327  -8.235  1.00 0.00 ? 15  TRP B N    1 
ATOM   448 C CA   . TRP B 2 15 ? 4.189  -3.552  -8.403  1.00 0.00 ? 15  TRP B CA   1 
ATOM   449 C C    . TRP B 2 15 ? 4.739  -4.129  -7.124  1.00 0.00 ? 15  TRP B C    1 
ATOM   450 O O    . TRP B 2 15 ? 5.575  -3.524  -6.467  1.00 0.00 ? 15  TRP B O    1 
ATOM   451 C CB   . TRP B 2 15 ? 4.907  -2.248  -8.833  1.00 0.00 ? 15  TRP B CB   1 
ATOM   452 C CG   . TRP B 2 15 ? 6.249  -2.609  -9.409  1.00 0.00 ? 15  TRP B CG   1 
ATOM   453 C CD1  . TRP B 2 15 ? 7.445  -2.595  -8.800  1.00 0.00 ? 15  TRP B CD1  1 
ATOM   454 C CD2  . TRP B 2 15 ? 6.474  -3.088  -10.819 1.00 0.00 ? 15  TRP B CD2  1 
ATOM   455 N NE1  . TRP B 2 15 ? 8.366  -2.976  -9.649  1.00 0.00 ? 15  TRP B NE1  1 
ATOM   456 C CE2  . TRP B 2 15 ? 7.841  -3.279  -10.853 1.00 0.00 ? 15  TRP B CE2  1 
ATOM   457 C CE3  . TRP B 2 15 ? 5.655  -3.337  -11.919 1.00 0.00 ? 15  TRP B CE3  1 
ATOM   458 C CZ2  . TRP B 2 15 ? 8.484  -3.727  -12.007 1.00 0.00 ? 15  TRP B CZ2  1 
ATOM   459 C CZ3  . TRP B 2 15 ? 6.288  -3.799  -13.081 1.00 0.00 ? 15  TRP B CZ3  1 
ATOM   460 C CH2  . TRP B 2 15 ? 7.679  -3.989  -13.124 1.00 0.00 ? 15  TRP B CH2  1 
ATOM   461 H H    . TRP B 2 15 ? 2.436  -2.422  -7.932  1.00 0.00 ? 15  TRP B H    1 
ATOM   462 H HA   . TRP B 2 15 ? 4.360  -4.291  -9.207  1.00 0.00 ? 15  TRP B HA   1 
ATOM   463 H HB2  . TRP B 2 15 ? 4.326  -1.736  -9.616  1.00 0.00 ? 15  TRP B HB2  1 
ATOM   464 H HB3  . TRP B 2 15 ? 5.010  -1.563  -7.980  1.00 0.00 ? 15  TRP B HB3  1 
ATOM   465 H HD1  . TRP B 2 15 ? 7.600  -2.314  -7.760  1.00 0.00 ? 15  TRP B HD1  1 
ATOM   466 H HE1  . TRP B 2 15 ? 9.369  -3.048  -9.421  1.00 0.00 ? 15  TRP B HE1  1 
ATOM   467 H HE3  . TRP B 2 15 ? 4.582  -3.183  -11.873 1.00 0.00 ? 15  TRP B HE3  1 
ATOM   468 H HZ2  . TRP B 2 15 ? 9.559  -3.869  -12.033 1.00 0.00 ? 15  TRP B HZ2  1 
ATOM   469 H HZ3  . TRP B 2 15 ? 5.690  -4.015  -13.962 1.00 0.00 ? 15  TRP B HZ3  1 
ATOM   470 H HH2  . TRP B 2 15 ? 8.140  -4.346  -14.040 1.00 0.00 ? 15  TRP B HH2  1 
HETATM 471 C C1   . SIN C 3 .  ? -2.954 -0.357  3.501   1.00 0.00 ? 101 SIN B C1   1 
HETATM 472 O O1   . SIN C 3 .  ? -3.470 -0.134  4.585   1.00 0.00 ? 101 SIN B O1   1 
HETATM 473 C C2   . SIN C 3 .  ? -3.682 0.018   2.239   1.00 0.00 ? 101 SIN B C2   1 
HETATM 474 C C3   . SIN C 3 .  ? -3.975 -1.141  1.245   1.00 0.00 ? 101 SIN B C3   1 
HETATM 475 C C4   . SIN C 3 .  ? -3.826 -0.622  -0.165  1.00 0.00 ? 101 SIN B C4   1 
HETATM 476 O O3   . SIN C 3 .  ? -3.140 -1.259  -0.945  1.00 0.00 ? 101 SIN B O3   1 
HETATM 477 H H21  . SIN C 3 .  ? -4.647 0.479   2.494   1.00 0.00 ? 101 SIN B H21  1 
HETATM 478 H H31  . SIN C 3 .  ? -4.985 -1.557  1.389   1.00 0.00 ? 101 SIN B H31  1 
# 
